data_5SN9
#
_entry.id   5SN9
#
_cell.length_a   137.865
_cell.length_b   65.730
_cell.length_c   84.331
_cell.angle_alpha   90.000
_cell.angle_beta   93.420
_cell.angle_gamma   90.000
#
_symmetry.space_group_name_H-M   'C 1 2 1'
#
loop_
_entity.id
_entity.type
_entity.pdbx_description
1 polymer '3-oxoacyl-[acyl-carrier-protein] synthase 2'
2 non-polymer N-{[4-(dimethylamino)phenyl]methyl}-4H-1,2,4-triazol-4-amine
3 non-polymer 'DIMETHYL SULFOXIDE'
4 non-polymer 'PHOSPHATE ION'
5 water water
#
_entity_poly.entity_id   1
_entity_poly.type   'polypeptide(L)'
_entity_poly.pdbx_seq_one_letter_code
;MSRRRVVITGMGMLSPLGLDVPSSWEGILAGRSGIAPIEHMDLSAYSTRFGGSVKGFNVEEYLSAKEARKLDLFIQYGLA
ASFQAVRDSGLEVTDANRERIGVSMGSGIGGLTNIENNCRSLFEQGPRRISPFFVPGSIINMVSGFLSIHLGLQGPNYAL
TTAQTTGTHSIGMAARNIAYGEADVMVAGGSEMAACGLGLGGFGAARALSTRNDEPTRASRPWDRDRDGFVLSDGSGALV
LEELEHARARGARIYAELVGFGMSGDAFHMTAPPEDGAGAARCMKNALRDAGLDPRQVDYINAHGTSTPAGDIAEIAAVK
SVFGEHAHALSMSSTKSMTGHLLGAAGAVEAIFSVLALRDQVAPPTINLDNPDEGCDLDLVAHEAKPRKIDVALSNSFGF
GGTNGTLVFRRFAD
;
_entity_poly.pdbx_strand_id   A,B
#
loop_
_chem_comp.id
_chem_comp.type
_chem_comp.name
_chem_comp.formula
DMS non-polymer 'DIMETHYL SULFOXIDE' 'C2 H6 O S'
NVD non-polymer N-{[4-(dimethylamino)phenyl]methyl}-4H-1,2,4-triazol-4-amine 'C11 H15 N5'
PO4 non-polymer 'PHOSPHATE ION' 'O4 P -3'
#
# COMPACT_ATOMS: atom_id res chain seq x y z
N SER A 2 26.42 3.79 1.05
CA SER A 2 26.47 2.32 1.43
C SER A 2 25.57 2.03 2.63
N ARG A 3 25.10 0.79 2.76
CA ARG A 3 23.89 0.46 3.56
C ARG A 3 24.10 0.74 5.04
N ARG A 4 23.25 1.56 5.65
CA ARG A 4 23.34 1.88 7.10
C ARG A 4 22.54 0.87 7.92
N ARG A 5 22.90 0.81 9.20
CA ARG A 5 22.27 -0.09 10.19
C ARG A 5 21.04 0.59 10.75
N VAL A 6 20.02 -0.21 11.09
CA VAL A 6 18.70 0.28 11.52
C VAL A 6 18.33 -0.34 12.85
N VAL A 7 17.95 0.49 13.81
CA VAL A 7 17.58 0.00 15.17
C VAL A 7 16.16 0.45 15.51
N ILE A 8 15.61 -0.15 16.55
CA ILE A 8 14.24 0.15 17.03
C ILE A 8 14.35 0.97 18.31
N THR A 9 13.82 2.19 18.31
CA THR A 9 13.97 3.12 19.48
C THR A 9 12.63 3.43 20.12
N GLY A 10 11.51 2.97 19.56
CA GLY A 10 10.19 3.30 20.11
C GLY A 10 9.18 2.30 19.61
N MET A 11 8.19 1.93 20.44
CA MET A 11 7.10 1.02 20.01
C MET A 11 5.76 1.45 20.58
N GLY A 12 4.68 1.15 19.87
CA GLY A 12 3.33 1.55 20.25
C GLY A 12 2.32 0.53 19.77
N MET A 13 1.21 0.35 20.50
CA MET A 13 0.28 -0.76 20.20
C MET A 13 -1.11 -0.46 20.76
N LEU A 14 -2.13 -0.87 19.98
CA LEU A 14 -3.44 -1.31 20.51
C LEU A 14 -3.68 -2.78 20.11
N SER A 15 -4.03 -3.63 21.08
CA SER A 15 -4.33 -5.03 20.77
C SER A 15 -5.57 -5.46 21.56
N PRO A 16 -6.07 -6.68 21.26
CA PRO A 16 -7.11 -7.30 22.09
C PRO A 16 -6.61 -7.56 23.53
N LEU A 17 -5.31 -7.41 23.82
CA LEU A 17 -4.74 -7.70 25.16
C LEU A 17 -4.46 -6.40 25.93
N GLY A 18 -4.51 -5.25 25.28
CA GLY A 18 -4.20 -3.99 25.99
C GLY A 18 -4.13 -2.74 25.12
N LEU A 19 -4.15 -1.57 25.76
CA LEU A 19 -4.21 -0.27 25.03
C LEU A 19 -2.81 0.30 24.94
N ASP A 20 -1.80 -0.52 25.22
CA ASP A 20 -0.40 -0.15 24.95
C ASP A 20 0.49 -1.39 24.90
N VAL A 21 1.77 -1.16 24.72
CA VAL A 21 2.72 -2.28 24.58
C VAL A 21 2.84 -3.06 25.89
N PRO A 22 3.18 -2.42 27.02
CA PRO A 22 3.45 -3.18 28.24
C PRO A 22 2.25 -4.02 28.70
N SER A 23 1.05 -3.43 28.66
CA SER A 23 -0.21 -4.12 29.05
C SER A 23 -0.45 -5.32 28.12
N SER A 24 -0.29 -5.13 26.82
CA SER A 24 -0.39 -6.23 25.83
C SER A 24 0.66 -7.32 26.12
N TRP A 25 1.93 -6.96 26.33
CA TRP A 25 3.04 -7.93 26.55
C TRP A 25 2.83 -8.73 27.85
N GLU A 26 2.34 -8.07 28.90
N GLU A 26 2.34 -8.09 28.91
CA GLU A 26 1.93 -8.70 30.19
CA GLU A 26 1.98 -8.80 30.17
C GLU A 26 0.96 -9.85 29.89
C GLU A 26 0.97 -9.90 29.85
N GLY A 27 -0.07 -9.60 29.08
CA GLY A 27 -1.07 -10.60 28.68
C GLY A 27 -0.42 -11.74 27.89
N ILE A 28 0.45 -11.39 26.97
CA ILE A 28 1.21 -12.37 26.13
C ILE A 28 1.97 -13.31 27.06
N LEU A 29 2.73 -12.78 28.00
CA LEU A 29 3.61 -13.65 28.82
C LEU A 29 2.78 -14.49 29.80
N ALA A 30 1.53 -14.08 30.06
CA ALA A 30 0.64 -14.74 31.05
C ALA A 30 -0.29 -15.73 30.36
N GLY A 31 -0.22 -15.84 29.03
CA GLY A 31 -1.04 -16.83 28.30
C GLY A 31 -2.49 -16.39 28.21
N ARG A 32 -2.75 -15.09 28.37
CA ARG A 32 -4.12 -14.57 28.41
C ARG A 32 -4.65 -14.43 26.98
N SER A 33 -5.92 -14.80 26.76
CA SER A 33 -6.69 -14.60 25.51
C SER A 33 -7.37 -13.22 25.52
N GLY A 34 -7.31 -12.54 24.38
CA GLY A 34 -8.02 -11.29 24.14
C GLY A 34 -9.28 -11.54 23.34
N ILE A 35 -9.73 -12.79 23.21
CA ILE A 35 -10.84 -13.14 22.28
C ILE A 35 -12.12 -13.29 23.10
N ALA A 36 -13.22 -12.77 22.59
CA ALA A 36 -14.52 -12.68 23.28
C ALA A 36 -15.62 -12.48 22.25
N PRO A 37 -16.88 -12.81 22.59
CA PRO A 37 -18.00 -12.47 21.73
C PRO A 37 -17.98 -10.96 21.46
N ILE A 38 -18.23 -10.59 20.21
CA ILE A 38 -18.22 -9.18 19.80
C ILE A 38 -19.47 -8.51 20.35
N GLU A 39 -19.27 -7.31 20.92
CA GLU A 39 -20.35 -6.54 21.58
C GLU A 39 -20.81 -5.36 20.72
N HIS A 40 -20.03 -4.92 19.73
CA HIS A 40 -20.24 -3.60 19.08
C HIS A 40 -21.28 -3.70 17.96
N MET A 41 -21.65 -4.91 17.54
CA MET A 41 -22.76 -5.13 16.57
C MET A 41 -23.43 -6.47 16.85
N ASP A 42 -24.60 -6.67 16.26
CA ASP A 42 -25.45 -7.88 16.36
C ASP A 42 -25.01 -8.91 15.30
N LEU A 43 -24.40 -10.01 15.72
CA LEU A 43 -23.87 -11.03 14.79
C LEU A 43 -24.71 -12.30 14.87
N SER A 44 -25.96 -12.24 15.34
CA SER A 44 -26.74 -13.50 15.48
C SER A 44 -26.91 -14.18 14.12
N ALA A 45 -26.94 -13.49 12.98
CA ALA A 45 -27.10 -14.14 11.65
C ALA A 45 -25.76 -14.63 11.05
N TYR A 46 -24.64 -14.34 11.72
CA TYR A 46 -23.30 -14.69 11.21
C TYR A 46 -22.90 -16.05 11.75
N SER A 47 -22.06 -16.81 11.04
CA SER A 47 -21.50 -18.12 11.49
C SER A 47 -20.35 -17.95 12.50
N THR A 48 -19.75 -16.75 12.61
CA THR A 48 -18.74 -16.38 13.62
C THR A 48 -19.21 -15.11 14.35
N ARG A 49 -19.20 -15.12 15.66
CA ARG A 49 -19.79 -14.00 16.46
C ARG A 49 -18.79 -13.48 17.50
N PHE A 50 -17.51 -13.81 17.37
CA PHE A 50 -16.48 -13.44 18.35
C PHE A 50 -15.23 -13.01 17.57
N GLY A 51 -14.30 -12.43 18.29
CA GLY A 51 -13.06 -11.91 17.69
C GLY A 51 -12.26 -11.19 18.73
N GLY A 52 -11.15 -10.57 18.31
CA GLY A 52 -10.26 -9.80 19.19
C GLY A 52 -10.50 -8.31 19.05
N SER A 53 -11.37 -7.76 19.89
CA SER A 53 -11.74 -6.33 19.89
C SER A 53 -10.72 -5.54 20.70
N VAL A 54 -10.50 -4.26 20.41
CA VAL A 54 -9.75 -3.40 21.35
C VAL A 54 -10.77 -2.99 22.42
N LYS A 55 -10.46 -3.21 23.70
CA LYS A 55 -11.41 -2.92 24.81
C LYS A 55 -11.08 -1.56 25.41
N GLY A 56 -12.05 -0.64 25.40
CA GLY A 56 -11.97 0.60 26.19
C GLY A 56 -11.05 1.63 25.57
N PHE A 57 -10.83 1.58 24.25
CA PHE A 57 -10.04 2.59 23.52
C PHE A 57 -10.64 3.98 23.72
N ASN A 58 -9.82 4.92 24.15
CA ASN A 58 -10.24 6.34 24.26
C ASN A 58 -9.44 7.18 23.27
N VAL A 59 -10.05 7.49 22.13
CA VAL A 59 -9.40 8.28 21.05
C VAL A 59 -9.04 9.69 21.58
N GLU A 60 -9.67 10.13 22.67
CA GLU A 60 -9.42 11.49 23.23
C GLU A 60 -8.18 11.51 24.14
N GLU A 61 -7.46 10.40 24.25
CA GLU A 61 -6.07 10.39 24.78
C GLU A 61 -5.13 10.90 23.68
N TYR A 62 -5.59 11.06 22.44
CA TYR A 62 -4.71 11.29 21.26
C TYR A 62 -5.19 12.45 20.40
N LEU A 63 -6.50 12.51 20.13
CA LEU A 63 -7.13 13.43 19.15
C LEU A 63 -8.34 14.10 19.79
N SER A 64 -8.67 15.30 19.31
CA SER A 64 -9.99 15.97 19.46
C SER A 64 -11.11 15.02 19.03
N ALA A 65 -12.22 14.96 19.76
CA ALA A 65 -13.40 14.17 19.32
C ALA A 65 -13.88 14.70 17.96
N LYS A 66 -13.70 16.00 17.67
CA LYS A 66 -14.17 16.62 16.38
C LYS A 66 -13.41 16.05 15.18
N GLU A 67 -12.10 15.83 15.34
N GLU A 67 -12.09 15.84 15.32
CA GLU A 67 -11.21 15.20 14.32
CA GLU A 67 -11.28 15.17 14.28
C GLU A 67 -11.47 13.69 14.28
C GLU A 67 -11.60 13.68 14.26
N ALA A 68 -11.63 13.04 15.45
CA ALA A 68 -11.85 11.57 15.55
C ALA A 68 -13.10 11.14 14.79
N ARG A 69 -14.19 11.91 14.89
N ARG A 69 -14.18 11.92 14.87
CA ARG A 69 -15.50 11.61 14.25
CA ARG A 69 -15.50 11.58 14.26
C ARG A 69 -15.32 11.43 12.74
C ARG A 69 -15.36 11.50 12.73
N LYS A 70 -14.33 12.11 12.15
CA LYS A 70 -14.09 12.06 10.68
C LYS A 70 -13.34 10.79 10.26
N LEU A 71 -12.82 10.01 11.20
CA LEU A 71 -11.78 8.98 10.88
C LEU A 71 -12.30 7.58 11.19
N ASP A 72 -12.17 6.66 10.24
CA ASP A 72 -12.46 5.22 10.50
C ASP A 72 -11.60 4.77 11.69
N LEU A 73 -12.11 3.79 12.44
CA LEU A 73 -11.38 3.18 13.57
C LEU A 73 -9.98 2.71 13.15
N PHE A 74 -9.77 2.17 11.95
CA PHE A 74 -8.41 1.68 11.62
C PHE A 74 -7.42 2.87 11.61
N ILE A 75 -7.89 4.07 11.24
CA ILE A 75 -7.01 5.26 11.27
C ILE A 75 -6.79 5.68 12.72
N GLN A 76 -7.85 5.76 13.53
CA GLN A 76 -7.70 6.14 14.94
C GLN A 76 -6.70 5.17 15.58
N TYR A 77 -6.78 3.86 15.29
CA TYR A 77 -5.92 2.86 15.94
C TYR A 77 -4.47 3.05 15.48
N GLY A 78 -4.30 3.27 14.18
CA GLY A 78 -2.95 3.48 13.61
C GLY A 78 -2.29 4.74 14.18
N LEU A 79 -3.06 5.83 14.32
CA LEU A 79 -2.53 7.07 14.95
C LEU A 79 -2.19 6.84 16.40
N ALA A 80 -3.03 6.17 17.20
CA ALA A 80 -2.73 5.89 18.61
C ALA A 80 -1.40 5.14 18.72
N ALA A 81 -1.24 4.03 18.00
CA ALA A 81 0.02 3.27 18.08
C ALA A 81 1.22 4.14 17.66
N SER A 82 1.08 4.92 16.58
CA SER A 82 2.13 5.84 16.07
C SER A 82 2.52 6.88 17.13
N PHE A 83 1.54 7.54 17.71
CA PHE A 83 1.80 8.53 18.77
C PHE A 83 2.57 7.87 19.90
N GLN A 84 2.14 6.68 20.35
CA GLN A 84 2.80 5.95 21.45
C GLN A 84 4.25 5.70 21.05
N ALA A 85 4.49 5.24 19.82
CA ALA A 85 5.84 4.85 19.37
C ALA A 85 6.75 6.09 19.40
N VAL A 86 6.27 7.19 18.87
CA VAL A 86 7.08 8.44 18.77
C VAL A 86 7.42 8.93 20.19
N ARG A 87 6.43 8.95 21.09
N ARG A 87 6.44 8.96 21.10
CA ARG A 87 6.63 9.36 22.50
CA ARG A 87 6.71 9.40 22.50
C ARG A 87 7.69 8.44 23.12
C ARG A 87 7.71 8.44 23.15
N ASP A 88 7.53 7.12 22.96
CA ASP A 88 8.42 6.08 23.53
C ASP A 88 9.86 6.26 23.01
N SER A 89 10.04 6.78 21.78
CA SER A 89 11.37 6.96 21.18
C SER A 89 12.15 8.11 21.85
N GLY A 90 11.45 9.09 22.45
CA GLY A 90 12.04 10.36 22.93
C GLY A 90 12.48 11.29 21.79
N LEU A 91 12.20 10.95 20.53
CA LEU A 91 12.57 11.85 19.40
C LEU A 91 11.83 13.19 19.48
N GLU A 92 12.56 14.29 19.24
CA GLU A 92 11.99 15.65 19.08
C GLU A 92 12.07 16.01 17.60
N VAL A 93 10.93 16.31 16.99
CA VAL A 93 10.81 16.76 15.59
C VAL A 93 11.21 18.23 15.54
N THR A 94 12.17 18.59 14.70
CA THR A 94 12.68 19.98 14.57
C THR A 94 12.77 20.36 13.11
N ASP A 95 13.01 21.65 12.85
CA ASP A 95 13.28 22.09 11.47
C ASP A 95 14.49 21.34 10.92
N ALA A 96 15.46 20.95 11.75
CA ALA A 96 16.73 20.36 11.28
C ALA A 96 16.52 18.91 10.85
N ASN A 97 15.46 18.24 11.32
CA ASN A 97 15.32 16.78 11.08
C ASN A 97 13.94 16.43 10.49
N ARG A 98 13.00 17.35 10.33
CA ARG A 98 11.62 16.96 9.92
C ARG A 98 11.62 16.40 8.48
N GLU A 99 12.56 16.79 7.63
CA GLU A 99 12.59 16.27 6.24
C GLU A 99 13.16 14.84 6.20
N ARG A 100 13.79 14.40 7.28
CA ARG A 100 14.50 13.09 7.41
C ARG A 100 13.63 12.09 8.17
N ILE A 101 12.42 12.45 8.55
CA ILE A 101 11.53 11.54 9.34
C ILE A 101 10.28 11.30 8.51
N GLY A 102 10.00 10.03 8.21
CA GLY A 102 8.81 9.70 7.43
C GLY A 102 7.95 8.68 8.13
N VAL A 103 6.99 8.15 7.40
CA VAL A 103 5.99 7.23 7.98
C VAL A 103 5.49 6.30 6.88
N SER A 104 5.32 5.03 7.27
CA SER A 104 4.74 3.95 6.43
C SER A 104 3.89 3.09 7.35
N MET A 105 2.66 3.51 7.54
CA MET A 105 1.67 2.72 8.29
C MET A 105 0.65 2.20 7.29
N GLY A 106 0.46 0.90 7.27
CA GLY A 106 -0.38 0.23 6.26
C GLY A 106 -1.63 -0.42 6.87
N SER A 107 -2.48 -0.93 6.00
CA SER A 107 -3.65 -1.72 6.41
C SER A 107 -3.97 -2.73 5.33
N GLY A 108 -4.54 -3.87 5.72
CA GLY A 108 -4.96 -4.91 4.76
C GLY A 108 -6.22 -4.53 4.04
N ILE A 109 -7.21 -4.00 4.75
CA ILE A 109 -8.56 -3.72 4.20
C ILE A 109 -8.93 -2.24 4.40
N GLY A 110 -8.38 -1.55 5.39
CA GLY A 110 -8.68 -0.12 5.61
C GLY A 110 -10.11 0.08 6.08
N GLY A 111 -10.78 1.13 5.62
CA GLY A 111 -11.91 1.71 6.37
C GLY A 111 -13.21 1.03 5.99
N LEU A 112 -13.28 -0.28 6.13
CA LEU A 112 -14.47 -1.04 5.69
C LEU A 112 -15.71 -0.61 6.49
N THR A 113 -15.58 -0.40 7.81
CA THR A 113 -16.71 0.05 8.68
C THR A 113 -17.29 1.32 8.07
N ASN A 114 -16.44 2.33 7.89
CA ASN A 114 -16.86 3.64 7.33
C ASN A 114 -17.49 3.43 5.95
N ILE A 115 -16.92 2.60 5.08
CA ILE A 115 -17.43 2.48 3.69
C ILE A 115 -18.80 1.81 3.73
N GLU A 116 -18.95 0.81 4.59
CA GLU A 116 -20.22 0.06 4.80
C GLU A 116 -21.28 1.04 5.28
N ASN A 117 -20.96 1.83 6.30
CA ASN A 117 -21.91 2.80 6.91
C ASN A 117 -22.36 3.82 5.86
N ASN A 118 -21.45 4.33 5.04
CA ASN A 118 -21.77 5.30 3.97
C ASN A 118 -22.51 4.59 2.84
N CYS A 119 -22.24 3.30 2.57
CA CYS A 119 -23.05 2.54 1.57
C CYS A 119 -24.51 2.46 2.05
N ARG A 120 -24.69 2.20 3.35
CA ARG A 120 -26.01 2.18 4.04
C ARG A 120 -26.73 3.51 3.75
N SER A 121 -26.09 4.63 4.10
CA SER A 121 -26.63 5.99 3.86
C SER A 121 -27.00 6.17 2.38
N LEU A 122 -26.09 5.81 1.47
CA LEU A 122 -26.35 5.96 0.02
C LEU A 122 -27.63 5.18 -0.33
N PHE A 123 -27.69 3.91 -0.01
CA PHE A 123 -28.76 3.01 -0.50
C PHE A 123 -30.14 3.42 0.06
N GLU A 124 -30.17 3.76 1.35
CA GLU A 124 -31.42 4.04 2.10
C GLU A 124 -31.85 5.49 1.90
N GLN A 125 -30.91 6.42 1.75
CA GLN A 125 -31.23 7.88 1.78
C GLN A 125 -30.69 8.71 0.61
N GLY A 126 -29.84 8.13 -0.25
CA GLY A 126 -29.27 8.87 -1.37
C GLY A 126 -27.88 9.44 -1.09
N PRO A 127 -27.23 9.94 -2.15
CA PRO A 127 -25.83 10.36 -2.10
C PRO A 127 -25.61 11.60 -1.25
N ARG A 128 -26.65 12.44 -1.06
CA ARG A 128 -26.50 13.69 -0.25
C ARG A 128 -26.25 13.33 1.21
N ARG A 129 -26.44 12.06 1.62
CA ARG A 129 -26.13 11.68 3.01
C ARG A 129 -24.75 11.02 3.14
N ILE A 130 -23.97 10.90 2.06
CA ILE A 130 -22.55 10.42 2.21
C ILE A 130 -21.74 11.50 2.93
N SER A 131 -20.91 11.10 3.88
CA SER A 131 -20.03 12.03 4.63
C SER A 131 -19.10 12.77 3.70
N PRO A 132 -18.96 14.11 3.84
CA PRO A 132 -17.88 14.84 3.18
C PRO A 132 -16.49 14.27 3.41
N PHE A 133 -16.30 13.56 4.52
CA PHE A 133 -14.98 13.01 4.94
C PHE A 133 -14.88 11.52 4.54
N PHE A 134 -15.78 11.06 3.67
CA PHE A 134 -15.84 9.61 3.29
C PHE A 134 -14.47 9.17 2.76
N VAL A 135 -13.90 9.93 1.83
CA VAL A 135 -12.59 9.54 1.20
C VAL A 135 -11.45 9.69 2.20
N PRO A 136 -11.11 10.91 2.71
CA PRO A 136 -9.97 11.03 3.60
C PRO A 136 -10.11 10.27 4.91
N GLY A 137 -11.33 9.92 5.32
CA GLY A 137 -11.53 9.20 6.60
C GLY A 137 -11.53 7.69 6.41
N SER A 138 -11.39 7.18 5.20
CA SER A 138 -11.51 5.72 4.92
C SER A 138 -10.28 5.16 4.21
N ILE A 139 -9.55 5.96 3.42
CA ILE A 139 -8.49 5.36 2.56
C ILE A 139 -7.21 5.11 3.38
N ILE A 140 -6.48 4.12 2.92
CA ILE A 140 -5.44 3.44 3.75
C ILE A 140 -4.26 4.36 4.06
N ASN A 141 -3.92 5.26 3.14
CA ASN A 141 -2.72 6.12 3.33
C ASN A 141 -2.94 7.22 4.37
N MET A 142 -4.12 7.31 4.99
CA MET A 142 -4.41 8.48 5.86
C MET A 142 -3.88 8.32 7.28
N VAL A 143 -3.43 7.14 7.73
CA VAL A 143 -2.61 7.05 8.96
C VAL A 143 -1.30 7.79 8.75
N SER A 144 -0.61 7.45 7.67
CA SER A 144 0.65 8.15 7.29
C SER A 144 0.38 9.66 7.10
N GLY A 145 -0.68 10.01 6.39
CA GLY A 145 -1.04 11.41 6.12
C GLY A 145 -1.33 12.18 7.42
N PHE A 146 -2.26 11.71 8.25
CA PHE A 146 -2.66 12.44 9.48
C PHE A 146 -1.48 12.47 10.46
N LEU A 147 -0.71 11.40 10.57
CA LEU A 147 0.45 11.40 11.50
C LEU A 147 1.45 12.48 11.08
N SER A 148 1.74 12.56 9.79
N SER A 148 1.75 12.55 9.79
CA SER A 148 2.68 13.56 9.21
CA SER A 148 2.64 13.55 9.17
C SER A 148 2.18 14.98 9.54
C SER A 148 2.17 14.97 9.55
N ILE A 149 0.86 15.22 9.44
CA ILE A 149 0.24 16.56 9.66
C ILE A 149 0.35 16.91 11.13
N HIS A 150 0.04 15.96 12.03
CA HIS A 150 0.05 16.22 13.50
C HIS A 150 1.46 16.40 14.03
N LEU A 151 2.48 15.67 13.52
CA LEU A 151 3.84 15.76 14.09
C LEU A 151 4.81 16.60 13.24
N GLY A 152 4.43 16.92 12.00
CA GLY A 152 5.25 17.69 11.03
C GLY A 152 6.34 16.86 10.39
N LEU A 153 6.04 15.59 10.07
CA LEU A 153 7.01 14.69 9.37
C LEU A 153 6.97 14.95 7.86
N GLN A 154 8.11 15.29 7.26
CA GLN A 154 8.14 15.70 5.83
C GLN A 154 8.95 14.71 5.00
N GLY A 155 9.42 13.65 5.64
CA GLY A 155 10.13 12.53 5.01
C GLY A 155 9.20 11.68 4.15
N PRO A 156 9.74 10.57 3.60
CA PRO A 156 8.92 9.67 2.78
C PRO A 156 7.61 9.32 3.53
N ASN A 157 6.52 9.42 2.81
CA ASN A 157 5.16 9.32 3.36
C ASN A 157 4.43 8.35 2.45
N TYR A 158 4.16 7.14 2.92
CA TYR A 158 3.45 6.16 2.05
C TYR A 158 2.75 5.12 2.92
N ALA A 159 2.08 4.20 2.26
CA ALA A 159 1.39 3.08 2.92
C ALA A 159 1.43 1.88 2.00
N LEU A 160 1.68 0.73 2.60
CA LEU A 160 1.56 -0.61 1.96
C LEU A 160 0.20 -1.23 2.26
N THR A 161 -0.27 -2.03 1.31
CA THR A 161 -1.45 -2.90 1.57
C THR A 161 -1.19 -4.27 0.96
N THR A 162 -0.74 -5.23 1.77
CA THR A 162 -0.34 -6.57 1.30
C THR A 162 -1.05 -7.58 2.17
N ALA A 163 -2.33 -7.31 2.41
CA ALA A 163 -3.25 -8.20 3.10
C ALA A 163 -2.61 -8.56 4.45
N GLN A 164 -2.50 -9.83 4.80
CA GLN A 164 -2.02 -10.25 6.12
C GLN A 164 -0.51 -10.07 6.28
N THR A 165 0.18 -9.58 5.25
CA THR A 165 1.65 -9.36 5.29
C THR A 165 1.98 -7.89 5.54
N THR A 166 0.96 -7.06 5.57
CA THR A 166 1.14 -5.58 5.52
C THR A 166 2.09 -5.06 6.60
N GLY A 167 1.92 -5.46 7.86
CA GLY A 167 2.74 -4.84 8.93
C GLY A 167 4.20 -5.21 8.78
N THR A 168 4.46 -6.43 8.37
CA THR A 168 5.83 -6.93 8.14
C THR A 168 6.48 -6.18 6.97
N HIS A 169 5.83 -6.12 5.82
CA HIS A 169 6.35 -5.39 4.65
C HIS A 169 6.57 -3.91 5.01
N SER A 170 5.63 -3.30 5.73
CA SER A 170 5.71 -1.85 6.07
C SER A 170 6.98 -1.62 6.87
N ILE A 171 7.28 -2.47 7.83
CA ILE A 171 8.48 -2.29 8.68
C ILE A 171 9.72 -2.56 7.83
N GLY A 172 9.76 -3.66 7.08
CA GLY A 172 10.95 -3.98 6.26
C GLY A 172 11.30 -2.88 5.26
N MET A 173 10.31 -2.39 4.52
N MET A 173 10.32 -2.34 4.55
CA MET A 173 10.54 -1.37 3.46
CA MET A 173 10.57 -1.37 3.46
C MET A 173 10.97 -0.06 4.12
C MET A 173 10.88 0.02 4.05
N ALA A 174 10.32 0.33 5.23
CA ALA A 174 10.73 1.53 6.00
C ALA A 174 12.20 1.38 6.41
N ALA A 175 12.65 0.21 6.85
CA ALA A 175 14.07 -0.02 7.20
C ALA A 175 14.95 0.21 5.95
N ARG A 176 14.52 -0.25 4.78
CA ARG A 176 15.31 0.01 3.54
C ARG A 176 15.43 1.51 3.29
N ASN A 177 14.35 2.26 3.45
CA ASN A 177 14.41 3.74 3.30
C ASN A 177 15.60 4.26 4.11
N ILE A 178 15.72 3.79 5.33
CA ILE A 178 16.74 4.33 6.26
C ILE A 178 18.10 3.78 5.84
N ALA A 179 18.16 2.49 5.58
CA ALA A 179 19.41 1.78 5.24
C ALA A 179 20.08 2.45 4.05
N TYR A 180 19.29 2.85 3.06
CA TYR A 180 19.77 3.39 1.76
C TYR A 180 19.85 4.93 1.79
N GLY A 181 19.57 5.61 2.90
CA GLY A 181 19.81 7.06 3.04
C GLY A 181 18.61 7.94 2.67
N GLU A 182 17.44 7.37 2.40
CA GLU A 182 16.24 8.16 1.98
C GLU A 182 15.62 8.84 3.21
N ALA A 183 15.92 8.36 4.41
CA ALA A 183 15.41 8.87 5.69
C ALA A 183 16.34 8.43 6.82
N ASP A 184 16.30 9.14 7.95
CA ASP A 184 17.06 8.75 9.16
C ASP A 184 16.10 8.06 10.14
N VAL A 185 14.82 8.38 10.07
CA VAL A 185 13.78 7.87 11.01
C VAL A 185 12.54 7.52 10.18
N MET A 186 11.88 6.41 10.52
CA MET A 186 10.57 6.09 9.94
C MET A 186 9.68 5.55 11.05
N VAL A 187 8.44 5.97 11.05
CA VAL A 187 7.40 5.32 11.90
C VAL A 187 6.70 4.32 10.99
N ALA A 188 6.72 3.05 11.35
CA ALA A 188 6.27 1.99 10.44
C ALA A 188 5.50 0.92 11.21
N GLY A 189 4.53 0.34 10.54
CA GLY A 189 3.70 -0.72 11.09
C GLY A 189 2.40 -0.78 10.35
N GLY A 190 1.34 -1.10 11.06
CA GLY A 190 0.03 -1.24 10.42
C GLY A 190 -1.12 -1.18 11.43
N SER A 191 -2.34 -1.16 10.91
CA SER A 191 -3.55 -1.06 11.75
C SER A 191 -4.71 -1.70 10.99
N GLU A 192 -5.67 -2.20 11.74
CA GLU A 192 -6.80 -2.89 11.11
C GLU A 192 -8.00 -2.83 12.04
N MET A 193 -9.18 -2.61 11.47
N MET A 193 -9.17 -2.59 11.45
CA MET A 193 -10.47 -2.84 12.17
CA MET A 193 -10.50 -2.73 12.08
C MET A 193 -11.48 -3.30 11.11
C MET A 193 -11.45 -3.28 11.01
N ALA A 194 -11.51 -4.61 10.86
CA ALA A 194 -12.31 -5.21 9.79
C ALA A 194 -13.55 -5.86 10.36
N ALA A 195 -13.81 -5.64 11.66
CA ALA A 195 -14.96 -6.27 12.36
C ALA A 195 -16.21 -5.43 12.13
N CYS A 196 -16.70 -5.51 10.91
CA CYS A 196 -18.01 -4.98 10.45
C CYS A 196 -18.73 -6.12 9.73
N GLY A 197 -19.98 -5.93 9.33
CA GLY A 197 -20.75 -6.92 8.55
C GLY A 197 -19.98 -7.47 7.35
N LEU A 198 -19.40 -6.62 6.52
CA LEU A 198 -18.70 -7.10 5.31
C LEU A 198 -17.46 -7.90 5.71
N GLY A 199 -16.73 -7.49 6.74
CA GLY A 199 -15.52 -8.21 7.19
C GLY A 199 -15.84 -9.62 7.70
N LEU A 200 -16.65 -9.68 8.74
CA LEU A 200 -17.01 -10.98 9.36
C LEU A 200 -17.80 -11.77 8.34
N GLY A 201 -18.71 -11.12 7.60
CA GLY A 201 -19.51 -11.80 6.57
C GLY A 201 -18.63 -12.33 5.45
N GLY A 202 -17.67 -11.54 5.00
CA GLY A 202 -16.85 -11.90 3.84
C GLY A 202 -15.89 -13.02 4.19
N PHE A 203 -15.20 -12.94 5.33
CA PHE A 203 -14.32 -14.06 5.74
C PHE A 203 -15.20 -15.28 6.06
N GLY A 204 -16.41 -15.03 6.59
CA GLY A 204 -17.37 -16.11 6.86
C GLY A 204 -17.77 -16.83 5.58
N ALA A 205 -18.05 -16.09 4.52
CA ALA A 205 -18.48 -16.64 3.21
C ALA A 205 -17.37 -17.52 2.64
N ALA A 206 -16.10 -17.21 2.95
CA ALA A 206 -14.95 -18.02 2.49
C ALA A 206 -14.70 -19.20 3.43
N ARG A 207 -15.46 -19.32 4.52
CA ARG A 207 -15.33 -20.37 5.52
C ARG A 207 -13.90 -20.35 6.05
N ALA A 208 -13.29 -19.16 6.11
CA ALA A 208 -11.90 -18.94 6.59
C ALA A 208 -11.83 -18.84 8.12
N LEU A 209 -12.92 -18.45 8.79
CA LEU A 209 -12.95 -18.16 10.25
C LEU A 209 -13.28 -19.38 11.08
N SER A 210 -12.68 -19.49 12.27
CA SER A 210 -13.16 -20.41 13.32
C SER A 210 -14.62 -20.12 13.61
N THR A 211 -15.42 -21.18 13.81
CA THR A 211 -16.84 -21.03 14.20
C THR A 211 -17.04 -21.54 15.64
N ARG A 212 -16.01 -21.49 16.48
CA ARG A 212 -16.07 -21.97 17.88
C ARG A 212 -16.78 -20.94 18.78
N ASN A 213 -18.02 -20.60 18.48
CA ASN A 213 -18.71 -19.45 19.12
C ASN A 213 -18.92 -19.70 20.62
N ASP A 214 -19.02 -20.95 21.02
CA ASP A 214 -19.34 -21.32 22.41
C ASP A 214 -18.08 -21.45 23.25
N GLU A 215 -16.89 -21.26 22.67
CA GLU A 215 -15.67 -21.27 23.51
C GLU A 215 -14.63 -20.38 22.83
N PRO A 216 -14.91 -19.07 22.66
CA PRO A 216 -14.05 -18.18 21.87
C PRO A 216 -12.57 -18.12 22.28
N THR A 217 -12.22 -18.29 23.56
CA THR A 217 -10.81 -18.20 24.01
C THR A 217 -10.04 -19.41 23.50
N ARG A 218 -10.72 -20.50 23.15
CA ARG A 218 -10.04 -21.72 22.66
C ARG A 218 -10.07 -21.82 21.14
N ALA A 219 -10.65 -20.84 20.45
CA ALA A 219 -10.86 -20.90 18.99
C ALA A 219 -9.51 -20.89 18.25
N SER A 220 -8.64 -19.95 18.61
CA SER A 220 -7.30 -19.79 18.00
C SER A 220 -6.34 -20.81 18.61
N ARG A 221 -5.97 -21.82 17.83
CA ARG A 221 -5.24 -23.00 18.34
C ARG A 221 -4.26 -23.41 17.25
N PRO A 222 -3.26 -22.53 16.96
CA PRO A 222 -2.28 -22.83 15.93
C PRO A 222 -1.59 -24.19 16.15
N TRP A 223 -1.59 -25.03 15.10
CA TRP A 223 -0.95 -26.38 15.01
C TRP A 223 -1.73 -27.42 15.84
N ASP A 224 -2.81 -27.04 16.51
CA ASP A 224 -3.68 -28.01 17.22
C ASP A 224 -4.51 -28.80 16.19
N ARG A 225 -4.65 -30.11 16.39
CA ARG A 225 -5.41 -30.96 15.44
C ARG A 225 -6.88 -30.53 15.31
N ASP A 226 -7.44 -29.78 16.27
CA ASP A 226 -8.88 -29.39 16.28
C ASP A 226 -9.05 -27.93 15.81
N ARG A 227 -8.06 -27.33 15.16
CA ARG A 227 -8.18 -25.93 14.65
C ARG A 227 -9.16 -25.91 13.48
N ASP A 228 -9.81 -24.78 13.25
CA ASP A 228 -10.91 -24.68 12.26
C ASP A 228 -10.95 -23.29 11.65
N GLY A 229 -9.79 -22.61 11.58
CA GLY A 229 -9.70 -21.29 10.95
C GLY A 229 -9.23 -20.20 11.89
N PHE A 230 -8.98 -19.04 11.34
CA PHE A 230 -8.40 -17.91 12.09
C PHE A 230 -9.51 -17.19 12.84
N VAL A 231 -9.06 -16.41 13.78
CA VAL A 231 -9.91 -15.51 14.60
C VAL A 231 -9.59 -14.07 14.18
N LEU A 232 -10.65 -13.31 13.87
CA LEU A 232 -10.49 -11.94 13.35
C LEU A 232 -10.28 -11.00 14.53
N SER A 233 -9.25 -10.14 14.44
CA SER A 233 -8.82 -9.24 15.54
C SER A 233 -8.41 -7.88 14.99
N ASP A 234 -8.49 -6.91 15.91
CA ASP A 234 -8.39 -5.49 15.57
C ASP A 234 -7.20 -4.92 16.33
N GLY A 235 -6.62 -3.85 15.81
CA GLY A 235 -5.64 -3.07 16.55
C GLY A 235 -4.58 -2.48 15.64
N SER A 236 -3.39 -2.28 16.19
N SER A 236 -3.43 -2.15 16.21
CA SER A 236 -2.30 -1.50 15.55
CA SER A 236 -2.30 -1.49 15.50
C SER A 236 -0.97 -1.77 16.26
C SER A 236 -0.99 -1.74 16.24
N GLY A 237 0.12 -1.73 15.48
CA GLY A 237 1.48 -1.72 15.99
C GLY A 237 2.24 -0.67 15.19
N ALA A 238 3.09 0.06 15.86
CA ALA A 238 3.99 1.02 15.23
C ALA A 238 5.36 0.92 15.91
N LEU A 239 6.39 0.97 15.09
CA LEU A 239 7.76 1.07 15.58
C LEU A 239 8.38 2.34 15.01
N VAL A 240 9.24 2.95 15.83
CA VAL A 240 10.19 3.97 15.34
C VAL A 240 11.49 3.22 14.96
N LEU A 241 11.78 3.20 13.67
CA LEU A 241 13.05 2.69 13.08
C LEU A 241 13.95 3.92 12.94
N GLU A 242 15.23 3.74 13.20
CA GLU A 242 16.17 4.88 13.22
C GLU A 242 17.55 4.40 12.81
N GLU A 243 18.21 5.18 11.99
CA GLU A 243 19.60 4.87 11.61
C GLU A 243 20.43 4.79 12.90
N LEU A 244 21.35 3.84 12.97
CA LEU A 244 22.11 3.51 14.21
C LEU A 244 22.85 4.75 14.73
N GLU A 245 23.66 5.41 13.89
CA GLU A 245 24.53 6.55 14.35
C GLU A 245 23.62 7.72 14.78
N HIS A 246 22.50 7.92 14.09
CA HIS A 246 21.49 8.93 14.48
C HIS A 246 20.96 8.61 15.88
N ALA A 247 20.68 7.34 16.18
CA ALA A 247 20.22 6.90 17.51
C ALA A 247 21.33 7.13 18.56
N ARG A 248 22.56 6.72 18.25
CA ARG A 248 23.73 6.84 19.15
C ARG A 248 23.98 8.33 19.46
N ALA A 249 23.84 9.19 18.43
CA ALA A 249 24.15 10.64 18.47
C ALA A 249 23.17 11.39 19.37
N ARG A 250 21.95 10.88 19.58
CA ARG A 250 20.96 11.57 20.45
C ARG A 250 20.78 10.84 21.80
N GLY A 251 21.57 9.79 22.06
CA GLY A 251 21.51 8.96 23.28
C GLY A 251 20.22 8.14 23.37
N ALA A 252 19.70 7.65 22.25
CA ALA A 252 18.41 6.93 22.26
C ALA A 252 18.58 5.61 23.01
N ARG A 253 17.52 5.17 23.68
CA ARG A 253 17.37 3.77 24.14
C ARG A 253 17.11 2.90 22.90
N ILE A 254 17.95 1.92 22.66
CA ILE A 254 17.79 1.02 21.49
C ILE A 254 17.24 -0.31 22.01
N TYR A 255 16.07 -0.74 21.53
CA TYR A 255 15.50 -2.04 21.95
C TYR A 255 16.22 -3.20 21.28
N ALA A 256 16.50 -3.11 19.99
CA ALA A 256 17.06 -4.21 19.18
C ALA A 256 17.46 -3.63 17.82
N GLU A 257 18.20 -4.42 17.06
CA GLU A 257 18.60 -4.05 15.69
C GLU A 257 17.77 -4.87 14.70
N LEU A 258 17.27 -4.20 13.66
N LEU A 258 17.35 -4.21 13.62
CA LEU A 258 16.64 -4.88 12.50
CA LEU A 258 16.64 -4.85 12.48
C LEU A 258 17.77 -5.17 11.51
C LEU A 258 17.70 -5.18 11.41
N VAL A 259 18.13 -6.45 11.37
CA VAL A 259 19.30 -6.89 10.53
C VAL A 259 18.86 -7.53 9.21
N GLY A 260 17.62 -7.99 9.09
CA GLY A 260 17.25 -8.74 7.87
C GLY A 260 15.82 -8.51 7.45
N PHE A 261 15.58 -8.48 6.15
CA PHE A 261 14.20 -8.39 5.61
C PHE A 261 14.13 -9.21 4.34
N GLY A 262 13.16 -10.11 4.30
CA GLY A 262 12.91 -10.95 3.13
C GLY A 262 11.49 -10.78 2.65
N MET A 263 11.35 -10.80 1.35
CA MET A 263 10.05 -10.92 0.69
C MET A 263 10.19 -12.05 -0.33
N SER A 264 9.06 -12.59 -0.69
CA SER A 264 8.97 -13.58 -1.79
C SER A 264 7.50 -13.66 -2.15
N GLY A 265 7.19 -14.09 -3.37
CA GLY A 265 5.80 -14.48 -3.72
C GLY A 265 5.74 -15.99 -3.87
N ASP A 266 4.66 -16.60 -3.42
CA ASP A 266 4.43 -18.06 -3.60
C ASP A 266 4.19 -18.32 -5.10
N ALA A 267 3.46 -17.42 -5.74
CA ALA A 267 2.91 -17.63 -7.11
C ALA A 267 2.15 -18.97 -7.19
N PHE A 268 1.30 -19.25 -6.20
CA PHE A 268 0.63 -20.56 -6.04
C PHE A 268 -0.90 -20.39 -6.14
N HIS A 269 -1.51 -19.61 -5.25
CA HIS A 269 -2.99 -19.53 -5.10
C HIS A 269 -3.40 -18.19 -4.47
N MET A 270 -4.57 -17.70 -4.86
CA MET A 270 -5.11 -16.40 -4.38
C MET A 270 -5.13 -16.37 -2.86
N THR A 271 -5.49 -17.47 -2.18
CA THR A 271 -5.75 -17.47 -0.72
C THR A 271 -5.01 -18.60 -0.02
N ALA A 272 -4.77 -19.72 -0.69
CA ALA A 272 -4.22 -20.92 -0.03
C ALA A 272 -2.70 -20.88 -0.09
N PRO A 273 -2.00 -21.23 1.00
CA PRO A 273 -0.55 -21.35 0.93
C PRO A 273 -0.21 -22.73 0.39
N PRO A 274 0.93 -22.91 -0.30
CA PRO A 274 1.33 -24.27 -0.69
C PRO A 274 1.69 -25.10 0.55
N GLU A 275 1.29 -26.38 0.56
CA GLU A 275 1.45 -27.34 1.69
C GLU A 275 2.92 -27.46 2.13
N ASP A 276 3.87 -27.34 1.21
CA ASP A 276 5.31 -27.54 1.47
C ASP A 276 5.96 -26.24 2.00
N GLY A 277 5.20 -25.14 2.06
CA GLY A 277 5.69 -23.82 2.52
C GLY A 277 6.87 -23.32 1.71
N ALA A 278 6.94 -23.62 0.41
CA ALA A 278 8.12 -23.30 -0.43
C ALA A 278 8.38 -21.77 -0.51
N GLY A 279 7.33 -20.97 -0.68
CA GLY A 279 7.45 -19.49 -0.75
C GLY A 279 7.88 -18.91 0.59
N ALA A 280 7.34 -19.38 1.70
CA ALA A 280 7.79 -18.99 3.06
C ALA A 280 9.26 -19.34 3.28
N ALA A 281 9.68 -20.52 2.82
CA ALA A 281 11.09 -20.91 2.93
C ALA A 281 11.94 -19.95 2.10
N ARG A 282 11.56 -19.67 0.87
CA ARG A 282 12.32 -18.73 0.01
C ARG A 282 12.43 -17.39 0.73
N CYS A 283 11.34 -16.94 1.33
CA CYS A 283 11.31 -15.63 2.03
C CYS A 283 12.27 -15.62 3.22
N MET A 284 12.22 -16.65 4.06
CA MET A 284 13.09 -16.75 5.25
C MET A 284 14.55 -16.81 4.80
N LYS A 285 14.84 -17.57 3.73
CA LYS A 285 16.25 -17.69 3.30
C LYS A 285 16.73 -16.32 2.82
N ASN A 286 15.88 -15.59 2.11
CA ASN A 286 16.23 -14.22 1.66
C ASN A 286 16.57 -13.37 2.89
N ALA A 287 15.74 -13.38 3.93
CA ALA A 287 15.94 -12.57 5.14
C ALA A 287 17.26 -12.97 5.85
N LEU A 288 17.55 -14.26 5.97
CA LEU A 288 18.74 -14.72 6.73
C LEU A 288 19.99 -14.33 5.93
N ARG A 289 19.94 -14.43 4.61
CA ARG A 289 21.09 -14.00 3.77
C ARG A 289 21.25 -12.48 3.88
N ASP A 290 20.14 -11.72 3.85
CA ASP A 290 20.13 -10.26 4.03
C ASP A 290 20.80 -9.89 5.36
N ALA A 291 20.64 -10.71 6.41
CA ALA A 291 21.16 -10.43 7.77
C ALA A 291 22.60 -10.97 7.94
N GLY A 292 23.15 -11.67 6.95
CA GLY A 292 24.49 -12.27 6.98
C GLY A 292 24.58 -13.36 8.04
N LEU A 293 23.50 -14.11 8.26
CA LEU A 293 23.45 -15.06 9.38
C LEU A 293 23.65 -16.50 8.91
N ASP A 294 24.23 -17.28 9.81
CA ASP A 294 24.07 -18.75 9.83
C ASP A 294 22.66 -19.02 10.34
N PRO A 295 21.82 -19.85 9.67
CA PRO A 295 20.46 -20.13 10.16
C PRO A 295 20.48 -20.68 11.59
N ARG A 296 21.55 -21.38 12.01
CA ARG A 296 21.67 -21.86 13.41
C ARG A 296 21.71 -20.72 14.44
N GLN A 297 21.89 -19.45 14.04
CA GLN A 297 21.87 -18.31 15.00
C GLN A 297 20.40 -18.05 15.42
N VAL A 298 19.42 -18.52 14.66
CA VAL A 298 18.00 -18.18 14.96
C VAL A 298 17.59 -18.91 16.24
N ASP A 299 17.12 -18.16 17.24
CA ASP A 299 16.71 -18.67 18.57
C ASP A 299 15.19 -18.70 18.65
N TYR A 300 14.49 -17.71 18.10
CA TYR A 300 13.03 -17.60 18.31
C TYR A 300 12.37 -17.19 16.99
N ILE A 301 11.27 -17.84 16.66
CA ILE A 301 10.45 -17.45 15.49
C ILE A 301 9.06 -17.11 16.00
N ASN A 302 8.63 -15.88 15.75
CA ASN A 302 7.21 -15.51 15.94
C ASN A 302 6.54 -15.90 14.64
N ALA A 303 5.92 -17.07 14.62
CA ALA A 303 5.25 -17.61 13.42
C ALA A 303 4.12 -16.70 12.93
N HIS A 304 3.71 -16.84 11.68
CA HIS A 304 2.39 -16.31 11.25
C HIS A 304 1.29 -17.03 12.06
N GLY A 305 1.31 -18.38 12.04
CA GLY A 305 0.52 -19.22 12.96
C GLY A 305 -0.94 -18.79 13.08
N THR A 306 -1.69 -18.80 11.98
CA THR A 306 -3.08 -18.25 11.90
C THR A 306 -4.14 -19.19 12.51
N SER A 307 -3.85 -20.48 12.72
CA SER A 307 -4.89 -21.46 13.17
C SER A 307 -5.74 -21.91 11.97
N THR A 308 -5.20 -21.87 10.78
CA THR A 308 -5.82 -22.50 9.60
C THR A 308 -5.16 -23.86 9.39
N PRO A 309 -5.93 -24.86 8.92
CA PRO A 309 -5.34 -26.17 8.64
C PRO A 309 -4.10 -26.07 7.74
N ALA A 310 -4.19 -25.48 6.56
CA ALA A 310 -3.08 -25.53 5.57
C ALA A 310 -1.96 -24.55 5.95
N GLY A 311 -2.29 -23.36 6.47
CA GLY A 311 -1.26 -22.36 6.79
C GLY A 311 -0.29 -22.84 7.86
N ASP A 312 -0.81 -23.39 8.96
CA ASP A 312 0.00 -23.79 10.12
C ASP A 312 0.96 -24.89 9.65
N ILE A 313 0.49 -25.84 8.87
CA ILE A 313 1.36 -26.99 8.50
C ILE A 313 2.40 -26.54 7.46
N ALA A 314 2.06 -25.63 6.54
CA ALA A 314 3.01 -25.06 5.57
C ALA A 314 4.17 -24.37 6.32
N GLU A 315 3.89 -23.72 7.46
CA GLU A 315 4.95 -23.01 8.22
C GLU A 315 5.89 -24.03 8.85
N ILE A 316 5.35 -25.12 9.40
CA ILE A 316 6.24 -26.20 9.94
C ILE A 316 7.14 -26.68 8.80
N ALA A 317 6.57 -27.00 7.64
CA ALA A 317 7.34 -27.54 6.50
C ALA A 317 8.44 -26.53 6.11
N ALA A 318 8.12 -25.23 6.07
CA ALA A 318 9.07 -24.18 5.67
C ALA A 318 10.21 -24.06 6.68
N VAL A 319 9.89 -24.10 7.97
CA VAL A 319 10.92 -23.95 9.03
C VAL A 319 11.86 -25.18 8.98
N LYS A 320 11.30 -26.39 8.82
CA LYS A 320 12.14 -27.63 8.70
C LYS A 320 13.03 -27.53 7.46
N SER A 321 12.50 -27.04 6.35
CA SER A 321 13.25 -26.91 5.09
C SER A 321 14.40 -25.88 5.28
N VAL A 322 14.15 -24.75 5.93
CA VAL A 322 15.17 -23.68 6.10
C VAL A 322 16.20 -24.08 7.15
N PHE A 323 15.77 -24.67 8.25
CA PHE A 323 16.65 -24.83 9.44
C PHE A 323 17.18 -26.24 9.62
N GLY A 324 16.67 -27.25 8.90
CA GLY A 324 17.18 -28.63 9.01
C GLY A 324 17.13 -29.09 10.45
N GLU A 325 18.19 -29.72 10.96
CA GLU A 325 18.20 -30.22 12.36
C GLU A 325 18.06 -29.08 13.37
N HIS A 326 18.50 -27.87 13.02
CA HIS A 326 18.37 -26.72 13.94
C HIS A 326 16.89 -26.38 14.15
N ALA A 327 16.00 -26.83 13.27
CA ALA A 327 14.53 -26.63 13.46
C ALA A 327 14.08 -27.16 14.84
N HIS A 328 14.79 -28.16 15.40
CA HIS A 328 14.47 -28.81 16.69
C HIS A 328 15.09 -28.05 17.87
N ALA A 329 15.91 -27.03 17.64
CA ALA A 329 16.64 -26.32 18.71
C ALA A 329 16.02 -24.94 18.96
N LEU A 330 15.58 -24.25 17.91
CA LEU A 330 14.92 -22.93 18.05
C LEU A 330 13.57 -23.14 18.73
N SER A 331 12.97 -22.06 19.20
CA SER A 331 11.57 -22.01 19.70
C SER A 331 10.73 -21.23 18.70
N MET A 332 9.54 -21.73 18.41
CA MET A 332 8.59 -21.05 17.49
C MET A 332 7.23 -21.01 18.17
N SER A 333 6.60 -19.85 18.25
CA SER A 333 5.26 -19.74 18.84
C SER A 333 4.41 -18.81 17.98
N SER A 334 3.11 -19.02 18.08
CA SER A 334 2.12 -18.12 17.46
C SER A 334 1.44 -17.35 18.59
N THR A 335 1.71 -16.06 18.67
CA THR A 335 0.98 -15.19 19.62
C THR A 335 -0.46 -14.94 19.16
N LYS A 336 -0.82 -15.27 17.91
CA LYS A 336 -2.22 -15.25 17.44
C LYS A 336 -3.07 -16.24 18.25
N SER A 337 -2.46 -17.22 18.92
CA SER A 337 -3.18 -18.09 19.87
C SER A 337 -3.93 -17.24 20.91
N MET A 338 -3.36 -16.11 21.31
CA MET A 338 -3.89 -15.14 22.29
C MET A 338 -4.55 -13.89 21.67
N THR A 339 -3.97 -13.30 20.61
CA THR A 339 -4.42 -11.98 20.09
C THR A 339 -5.46 -12.16 18.98
N GLY A 340 -5.51 -13.37 18.42
CA GLY A 340 -6.12 -13.60 17.11
C GLY A 340 -5.31 -12.90 16.03
N HIS A 341 -5.89 -12.86 14.85
CA HIS A 341 -5.25 -12.43 13.58
C HIS A 341 -5.62 -10.99 13.30
N LEU A 342 -4.66 -10.07 13.47
CA LEU A 342 -4.91 -8.62 13.28
C LEU A 342 -4.70 -8.25 11.81
N LEU A 343 -4.59 -9.23 10.91
CA LEU A 343 -4.57 -9.03 9.45
C LEU A 343 -3.41 -8.07 9.13
N GLY A 344 -3.70 -6.92 8.55
CA GLY A 344 -2.60 -5.98 8.20
C GLY A 344 -1.80 -5.49 9.40
N ALA A 345 -2.34 -5.53 10.64
CA ALA A 345 -1.59 -5.14 11.84
C ALA A 345 -0.83 -6.32 12.43
N ALA A 346 -1.10 -7.56 11.99
CA ALA A 346 -0.49 -8.76 12.63
C ALA A 346 1.04 -8.64 12.64
N GLY A 347 1.65 -8.31 11.53
CA GLY A 347 3.11 -8.28 11.46
C GLY A 347 3.65 -7.15 12.31
N ALA A 348 2.86 -6.10 12.50
CA ALA A 348 3.34 -4.93 13.27
C ALA A 348 3.37 -5.31 14.77
N VAL A 349 2.30 -5.90 15.30
CA VAL A 349 2.28 -6.25 16.75
C VAL A 349 3.26 -7.41 17.00
N GLU A 350 3.40 -8.32 16.06
CA GLU A 350 4.28 -9.50 16.21
C GLU A 350 5.73 -9.08 16.06
N ALA A 351 6.03 -8.04 15.29
CA ALA A 351 7.40 -7.48 15.26
C ALA A 351 7.71 -6.96 16.68
N ILE A 352 6.74 -6.26 17.30
CA ILE A 352 6.93 -5.73 18.68
C ILE A 352 7.13 -6.90 19.64
N PHE A 353 6.34 -7.96 19.53
CA PHE A 353 6.47 -9.13 20.42
C PHE A 353 7.86 -9.76 20.25
N SER A 354 8.39 -9.82 19.01
CA SER A 354 9.72 -10.38 18.73
C SER A 354 10.83 -9.54 19.37
N VAL A 355 10.70 -8.23 19.28
CA VAL A 355 11.65 -7.29 19.94
C VAL A 355 11.57 -7.51 21.47
N LEU A 356 10.37 -7.65 22.03
CA LEU A 356 10.24 -7.84 23.50
C LEU A 356 10.76 -9.23 23.89
N ALA A 357 10.64 -10.23 23.01
CA ALA A 357 11.25 -11.56 23.24
C ALA A 357 12.76 -11.36 23.42
N LEU A 358 13.38 -10.52 22.58
CA LEU A 358 14.81 -10.21 22.71
C LEU A 358 15.05 -9.48 24.04
N ARG A 359 14.28 -8.43 24.35
CA ARG A 359 14.53 -7.61 25.55
C ARG A 359 14.48 -8.50 26.79
N ASP A 360 13.48 -9.37 26.89
CA ASP A 360 13.16 -10.12 28.14
C ASP A 360 13.70 -11.55 28.13
N GLN A 361 14.30 -12.01 27.04
CA GLN A 361 14.82 -13.39 26.91
C GLN A 361 13.73 -14.40 27.28
N VAL A 362 12.59 -14.29 26.60
CA VAL A 362 11.46 -15.23 26.80
C VAL A 362 10.74 -15.45 25.48
N ALA A 363 10.45 -16.71 25.16
CA ALA A 363 9.57 -17.11 24.05
C ALA A 363 8.15 -17.09 24.57
N PRO A 364 7.29 -16.24 24.00
CA PRO A 364 5.85 -16.30 24.31
C PRO A 364 5.25 -17.65 23.97
N PRO A 365 4.16 -18.06 24.67
CA PRO A 365 3.52 -19.35 24.41
C PRO A 365 2.67 -19.34 23.15
N THR A 366 2.46 -20.52 22.61
CA THR A 366 1.30 -20.83 21.75
C THR A 366 0.27 -21.45 22.69
N ILE A 367 -0.70 -20.69 23.15
CA ILE A 367 -1.78 -21.29 23.98
C ILE A 367 -2.69 -22.17 23.12
N ASN A 368 -3.46 -23.04 23.79
CA ASN A 368 -4.48 -23.93 23.17
C ASN A 368 -3.88 -25.08 22.37
N LEU A 369 -2.56 -25.32 22.45
CA LEU A 369 -1.88 -26.38 21.67
C LEU A 369 -1.97 -27.67 22.49
N ASP A 370 -3.19 -28.18 22.58
CA ASP A 370 -3.54 -29.36 23.40
C ASP A 370 -3.00 -30.60 22.71
N ASN A 371 -3.26 -30.73 21.40
CA ASN A 371 -2.88 -31.95 20.64
C ASN A 371 -2.22 -31.51 19.34
N PRO A 372 -0.88 -31.34 19.33
CA PRO A 372 -0.18 -30.96 18.10
C PRO A 372 -0.54 -31.91 16.94
N ASP A 373 -0.79 -31.33 15.78
CA ASP A 373 -1.19 -32.11 14.58
C ASP A 373 -0.02 -32.97 14.11
N GLU A 374 -0.30 -33.86 13.16
CA GLU A 374 0.72 -34.69 12.48
C GLU A 374 1.84 -33.76 11.97
N GLY A 375 3.09 -34.12 12.30
CA GLY A 375 4.32 -33.43 11.87
C GLY A 375 4.59 -32.11 12.58
N CYS A 376 3.73 -31.69 13.51
CA CYS A 376 3.87 -30.40 14.25
C CYS A 376 4.67 -30.71 15.54
N ASP A 377 5.92 -31.15 15.38
CA ASP A 377 6.75 -31.80 16.46
C ASP A 377 7.98 -30.94 16.79
N LEU A 378 7.94 -29.64 16.47
CA LEU A 378 8.96 -28.68 16.91
C LEU A 378 8.66 -28.18 18.32
N ASP A 379 9.59 -27.41 18.88
CA ASP A 379 9.31 -26.67 20.11
C ASP A 379 8.37 -25.51 19.74
N LEU A 380 7.05 -25.66 19.95
CA LEU A 380 6.03 -24.63 19.65
C LEU A 380 5.61 -23.91 20.92
N VAL A 381 6.41 -24.01 21.98
CA VAL A 381 6.24 -23.30 23.26
C VAL A 381 4.81 -23.52 23.74
N ALA A 382 4.32 -24.75 23.69
CA ALA A 382 2.90 -25.03 24.05
C ALA A 382 2.57 -24.46 25.44
N HIS A 383 1.41 -23.80 25.58
CA HIS A 383 0.72 -23.45 26.86
C HIS A 383 1.40 -22.32 27.65
N GLU A 384 2.71 -22.37 27.88
CA GLU A 384 3.39 -21.50 28.88
C GLU A 384 4.66 -20.86 28.28
N ALA A 385 4.89 -19.60 28.63
CA ALA A 385 6.05 -18.80 28.19
C ALA A 385 7.31 -19.55 28.61
N LYS A 386 8.35 -19.55 27.77
CA LYS A 386 9.61 -20.28 28.01
C LYS A 386 10.78 -19.30 28.04
N PRO A 387 11.32 -18.97 29.22
CA PRO A 387 12.56 -18.20 29.30
C PRO A 387 13.66 -18.99 28.61
N ARG A 388 14.51 -18.32 27.85
CA ARG A 388 15.59 -18.99 27.06
C ARG A 388 16.45 -17.87 26.46
N LYS A 389 17.62 -18.28 26.03
CA LYS A 389 18.55 -17.43 25.28
C LYS A 389 17.95 -17.12 23.91
N ILE A 390 17.84 -15.82 23.62
CA ILE A 390 17.38 -15.31 22.32
C ILE A 390 18.32 -14.20 21.90
N ASP A 391 19.19 -14.49 20.95
CA ASP A 391 20.05 -13.46 20.31
C ASP A 391 19.43 -12.98 19.01
N VAL A 392 18.79 -13.90 18.27
CA VAL A 392 18.19 -13.61 16.94
C VAL A 392 16.74 -14.09 16.97
N ALA A 393 15.83 -13.19 16.58
CA ALA A 393 14.41 -13.48 16.52
C ALA A 393 13.94 -13.20 15.10
N LEU A 394 13.09 -14.08 14.58
N LEU A 394 13.16 -14.13 14.55
CA LEU A 394 12.49 -13.94 13.23
CA LEU A 394 12.44 -13.95 13.26
C LEU A 394 10.97 -13.77 13.38
C LEU A 394 10.98 -13.60 13.52
N SER A 395 10.36 -12.86 12.60
CA SER A 395 8.89 -12.69 12.55
C SER A 395 8.41 -12.93 11.12
N ASN A 396 7.50 -13.88 10.94
CA ASN A 396 6.97 -14.24 9.59
C ASN A 396 5.54 -13.80 9.41
N SER A 397 5.19 -13.47 8.18
CA SER A 397 3.83 -13.15 7.76
C SER A 397 3.68 -13.72 6.35
N PHE A 398 2.49 -14.23 6.06
N PHE A 398 2.55 -14.34 6.07
CA PHE A 398 2.06 -14.79 4.75
CA PHE A 398 2.11 -14.59 4.67
C PHE A 398 0.62 -14.31 4.49
C PHE A 398 0.72 -13.97 4.51
N GLY A 399 0.28 -13.86 3.27
CA GLY A 399 -1.02 -13.28 2.98
C GLY A 399 -1.60 -13.74 1.69
N PHE A 400 -2.87 -13.40 1.51
CA PHE A 400 -3.54 -13.54 0.19
C PHE A 400 -2.63 -12.99 -0.90
N GLY A 401 -2.77 -13.57 -2.09
CA GLY A 401 -1.88 -13.29 -3.23
C GLY A 401 -0.57 -14.02 -3.16
N GLY A 402 -0.34 -14.85 -2.13
CA GLY A 402 0.94 -15.56 -1.96
C GLY A 402 2.09 -14.64 -1.54
N THR A 403 1.78 -13.56 -0.81
N THR A 403 1.71 -13.55 -0.88
CA THR A 403 2.79 -12.54 -0.45
CA THR A 403 2.66 -12.56 -0.31
C THR A 403 3.35 -12.84 0.95
C THR A 403 3.37 -13.23 0.88
N ASN A 404 4.68 -12.96 1.01
CA ASN A 404 5.44 -13.39 2.21
C ASN A 404 6.41 -12.28 2.65
N GLY A 405 6.56 -12.12 3.96
CA GLY A 405 7.56 -11.23 4.55
C GLY A 405 8.17 -11.87 5.76
N THR A 406 9.46 -11.61 5.96
CA THR A 406 10.18 -12.07 7.14
C THR A 406 11.03 -10.92 7.66
N LEU A 407 10.95 -10.65 8.94
CA LEU A 407 11.88 -9.70 9.59
C LEU A 407 12.80 -10.43 10.53
N VAL A 408 14.07 -10.01 10.54
CA VAL A 408 15.13 -10.57 11.41
C VAL A 408 15.63 -9.45 12.32
N PHE A 409 15.43 -9.65 13.63
CA PHE A 409 15.86 -8.76 14.72
C PHE A 409 16.97 -9.47 15.49
N ARG A 410 17.88 -8.69 16.07
CA ARG A 410 18.87 -9.26 17.02
C ARG A 410 19.18 -8.28 18.14
N ARG A 411 19.67 -8.80 19.26
CA ARG A 411 20.11 -7.96 20.41
C ARG A 411 21.13 -6.93 19.92
N PHE A 412 21.04 -5.73 20.50
CA PHE A 412 22.03 -4.66 20.22
C PHE A 412 22.84 -4.41 21.50
N ALA A 413 24.19 -4.38 21.40
CA ALA A 413 25.12 -4.16 22.53
C ALA A 413 25.50 -2.67 22.62
N SER B 2 27.53 1.38 -4.77
CA SER B 2 26.84 2.02 -5.93
C SER B 2 25.49 1.33 -6.20
N ARG B 3 24.88 1.64 -7.36
CA ARG B 3 23.44 1.43 -7.64
C ARG B 3 23.25 1.03 -9.11
N ARG B 4 22.39 0.08 -9.41
CA ARG B 4 22.20 -0.35 -10.82
C ARG B 4 21.24 0.60 -11.54
N ARG B 5 21.37 0.69 -12.86
CA ARG B 5 20.49 1.51 -13.70
C ARG B 5 19.23 0.71 -14.01
N VAL B 6 18.13 1.45 -14.18
CA VAL B 6 16.76 0.89 -14.36
C VAL B 6 16.19 1.51 -15.65
N VAL B 7 15.74 0.67 -16.55
CA VAL B 7 15.11 1.14 -17.81
C VAL B 7 13.71 0.57 -17.94
N ILE B 8 12.93 1.19 -18.82
CA ILE B 8 11.53 0.79 -19.10
C ILE B 8 11.52 -0.01 -20.40
N THR B 9 11.04 -1.24 -20.37
CA THR B 9 11.12 -2.17 -21.54
C THR B 9 9.73 -2.60 -22.00
N GLY B 10 8.68 -2.23 -21.25
CA GLY B 10 7.31 -2.65 -21.60
C GLY B 10 6.30 -1.72 -20.95
N MET B 11 5.23 -1.37 -21.67
CA MET B 11 4.17 -0.50 -21.10
C MET B 11 2.80 -1.05 -21.49
N GLY B 12 1.82 -0.85 -20.62
CA GLY B 12 0.44 -1.34 -20.81
C GLY B 12 -0.52 -0.38 -20.14
N MET B 13 -1.74 -0.25 -20.66
CA MET B 13 -2.66 0.81 -20.18
C MET B 13 -4.09 0.48 -20.56
N LEU B 14 -5.04 0.85 -19.68
CA LEU B 14 -6.46 1.11 -20.03
C LEU B 14 -6.72 2.56 -19.62
N SER B 15 -7.35 3.35 -20.47
CA SER B 15 -7.65 4.75 -20.10
C SER B 15 -8.96 5.14 -20.74
N PRO B 16 -9.46 6.34 -20.38
CA PRO B 16 -10.65 6.88 -21.04
C PRO B 16 -10.38 7.17 -22.52
N LEU B 17 -9.12 7.16 -22.97
CA LEU B 17 -8.77 7.46 -24.37
C LEU B 17 -8.61 6.16 -25.16
N GLY B 18 -8.51 5.01 -24.51
CA GLY B 18 -8.26 3.78 -25.29
C GLY B 18 -7.89 2.58 -24.48
N LEU B 19 -7.83 1.43 -25.14
CA LEU B 19 -7.73 0.13 -24.44
C LEU B 19 -6.27 -0.34 -24.47
N ASP B 20 -5.36 0.52 -24.93
CA ASP B 20 -3.91 0.20 -24.89
C ASP B 20 -3.13 1.50 -24.93
N VAL B 21 -1.83 1.38 -24.91
CA VAL B 21 -0.94 2.56 -24.92
C VAL B 21 -1.07 3.32 -26.24
N PRO B 22 -0.84 2.73 -27.42
CA PRO B 22 -0.80 3.52 -28.65
C PRO B 22 -2.13 4.24 -28.89
N SER B 23 -3.25 3.59 -28.66
CA SER B 23 -4.57 4.26 -28.85
C SER B 23 -4.69 5.45 -27.88
N SER B 24 -4.33 5.26 -26.62
CA SER B 24 -4.41 6.34 -25.62
C SER B 24 -3.51 7.51 -26.05
N TRP B 25 -2.26 7.20 -26.41
CA TRP B 25 -1.25 8.22 -26.76
C TRP B 25 -1.65 8.99 -28.02
N GLU B 26 -2.23 8.30 -28.99
CA GLU B 26 -2.82 8.96 -30.19
C GLU B 26 -3.88 9.98 -29.76
N GLY B 27 -4.78 9.62 -28.84
CA GLY B 27 -5.78 10.57 -28.31
C GLY B 27 -5.10 11.76 -27.64
N ILE B 28 -4.07 11.51 -26.85
CA ILE B 28 -3.36 12.56 -26.06
C ILE B 28 -2.77 13.60 -27.04
N LEU B 29 -2.08 13.12 -28.05
CA LEU B 29 -1.37 14.04 -28.98
C LEU B 29 -2.39 14.78 -29.87
N ALA B 30 -3.60 14.25 -30.03
CA ALA B 30 -4.69 14.93 -30.78
C ALA B 30 -5.53 15.83 -29.87
N GLY B 31 -5.29 15.90 -28.56
CA GLY B 31 -6.08 16.77 -27.68
C GLY B 31 -7.51 16.26 -27.49
N ARG B 32 -7.73 14.96 -27.67
CA ARG B 32 -9.06 14.35 -27.50
C ARG B 32 -9.37 14.21 -25.99
N SER B 33 -10.62 14.44 -25.62
CA SER B 33 -11.20 14.21 -24.27
C SER B 33 -11.73 12.77 -24.20
N GLY B 34 -11.49 12.09 -23.09
CA GLY B 34 -12.15 10.80 -22.79
C GLY B 34 -13.34 10.99 -21.90
N ILE B 35 -13.74 12.25 -21.61
CA ILE B 35 -14.74 12.51 -20.55
C ILE B 35 -16.14 12.55 -21.19
N ALA B 36 -17.08 11.87 -20.54
CA ALA B 36 -18.48 11.75 -21.01
C ALA B 36 -19.41 11.44 -19.85
N PRO B 37 -20.72 11.68 -20.02
CA PRO B 37 -21.69 11.27 -19.02
C PRO B 37 -21.52 9.76 -18.76
N ILE B 38 -21.61 9.39 -17.50
CA ILE B 38 -21.43 7.96 -17.07
C ILE B 38 -22.72 7.22 -17.39
N GLU B 39 -22.62 6.03 -18.00
CA GLU B 39 -23.79 5.24 -18.43
C GLU B 39 -24.08 4.09 -17.46
N HIS B 40 -25.26 3.48 -17.62
CA HIS B 40 -25.77 2.27 -16.93
C HIS B 40 -25.60 2.48 -15.43
N MET B 41 -26.03 3.67 -14.97
CA MET B 41 -25.90 4.10 -13.56
C MET B 41 -26.81 5.30 -13.32
N ASP B 42 -27.78 5.18 -12.41
CA ASP B 42 -28.71 6.29 -12.09
C ASP B 42 -27.93 7.32 -11.25
N LEU B 43 -27.46 8.39 -11.88
CA LEU B 43 -26.75 9.49 -11.20
C LEU B 43 -27.71 10.69 -11.00
N SER B 44 -29.04 10.48 -11.06
CA SER B 44 -30.06 11.56 -10.93
C SER B 44 -29.78 12.43 -9.71
N ALA B 45 -29.61 11.82 -8.54
CA ALA B 45 -29.48 12.57 -7.27
C ALA B 45 -28.06 13.13 -7.06
N TYR B 46 -27.14 12.97 -8.03
CA TYR B 46 -25.70 13.34 -7.90
C TYR B 46 -25.44 14.69 -8.55
N SER B 47 -24.50 15.50 -8.03
CA SER B 47 -24.12 16.84 -8.59
C SER B 47 -23.12 16.71 -9.75
N THR B 48 -22.45 15.56 -9.88
CA THR B 48 -21.57 15.22 -11.02
C THR B 48 -22.07 13.95 -11.70
N ARG B 49 -22.27 13.98 -13.02
CA ARG B 49 -22.93 12.87 -13.77
C ARG B 49 -22.00 12.38 -14.89
N PHE B 50 -20.74 12.81 -14.88
CA PHE B 50 -19.78 12.52 -15.96
C PHE B 50 -18.44 12.12 -15.33
N GLY B 51 -17.57 11.56 -16.15
CA GLY B 51 -16.21 11.15 -15.77
C GLY B 51 -15.49 10.51 -16.94
N GLY B 52 -14.30 9.93 -16.70
CA GLY B 52 -13.56 9.14 -17.69
C GLY B 52 -13.75 7.65 -17.48
N SER B 53 -14.64 7.04 -18.24
CA SER B 53 -14.90 5.59 -18.22
C SER B 53 -13.93 4.90 -19.16
N VAL B 54 -13.57 3.65 -18.86
CA VAL B 54 -12.94 2.76 -19.87
C VAL B 54 -14.08 2.24 -20.76
N LYS B 55 -13.98 2.42 -22.06
CA LYS B 55 -15.02 2.06 -23.05
C LYS B 55 -14.64 0.77 -23.80
N GLY B 56 -15.50 -0.23 -23.73
CA GLY B 56 -15.42 -1.46 -24.52
C GLY B 56 -14.40 -2.45 -23.99
N PHE B 57 -14.02 -2.36 -22.73
CA PHE B 57 -13.04 -3.31 -22.12
C PHE B 57 -13.60 -4.74 -22.16
N ASN B 58 -12.78 -5.63 -22.68
CA ASN B 58 -13.13 -7.05 -22.84
C ASN B 58 -12.17 -7.88 -21.99
N VAL B 59 -12.55 -8.17 -20.75
CA VAL B 59 -11.72 -8.91 -19.77
C VAL B 59 -11.44 -10.33 -20.26
N GLU B 60 -12.30 -10.90 -21.12
CA GLU B 60 -12.08 -12.27 -21.63
C GLU B 60 -10.91 -12.32 -22.63
N GLU B 61 -10.32 -11.20 -23.00
CA GLU B 61 -9.01 -11.24 -23.71
C GLU B 61 -7.90 -11.69 -22.75
N TYR B 62 -8.12 -11.58 -21.43
CA TYR B 62 -7.09 -11.77 -20.39
C TYR B 62 -7.39 -12.98 -19.51
N LEU B 63 -8.64 -13.07 -19.06
CA LEU B 63 -9.15 -14.06 -18.09
C LEU B 63 -10.33 -14.80 -18.65
N SER B 64 -10.55 -16.01 -18.14
CA SER B 64 -11.84 -16.70 -18.32
C SER B 64 -12.98 -15.90 -17.65
N ALA B 65 -14.22 -16.03 -18.12
CA ALA B 65 -15.37 -15.31 -17.49
C ALA B 65 -15.41 -15.67 -16.01
N LYS B 66 -15.13 -16.93 -15.70
CA LYS B 66 -15.30 -17.42 -14.32
C LYS B 66 -14.26 -16.75 -13.40
N GLU B 67 -13.02 -16.64 -13.85
N GLU B 67 -13.00 -16.71 -13.86
CA GLU B 67 -11.95 -16.00 -13.03
CA GLU B 67 -11.86 -15.98 -13.23
C GLU B 67 -12.22 -14.48 -12.94
C GLU B 67 -12.27 -14.54 -12.96
N ALA B 68 -12.76 -13.87 -14.00
CA ALA B 68 -13.08 -12.44 -14.00
C ALA B 68 -14.23 -12.15 -13.02
N ARG B 69 -15.19 -13.07 -12.82
CA ARG B 69 -16.33 -12.86 -11.89
C ARG B 69 -15.84 -12.73 -10.45
N LYS B 70 -14.64 -13.21 -10.14
CA LYS B 70 -14.11 -13.22 -8.77
C LYS B 70 -13.46 -11.87 -8.46
N LEU B 71 -13.28 -10.99 -9.44
CA LEU B 71 -12.37 -9.83 -9.30
C LEU B 71 -13.10 -8.49 -9.52
N ASP B 72 -12.89 -7.53 -8.63
CA ASP B 72 -13.35 -6.15 -8.87
C ASP B 72 -12.78 -5.63 -10.19
N LEU B 73 -13.51 -4.71 -10.82
CA LEU B 73 -13.05 -4.00 -12.02
C LEU B 73 -11.64 -3.41 -11.81
N PHE B 74 -11.30 -2.82 -10.65
CA PHE B 74 -9.94 -2.21 -10.54
C PHE B 74 -8.88 -3.31 -10.68
N ILE B 75 -9.17 -4.51 -10.21
CA ILE B 75 -8.19 -5.64 -10.37
C ILE B 75 -8.16 -6.09 -11.84
N GLN B 76 -9.31 -6.27 -12.47
CA GLN B 76 -9.33 -6.58 -13.92
C GLN B 76 -8.47 -5.55 -14.69
N TYR B 77 -8.68 -4.25 -14.45
CA TYR B 77 -7.97 -3.19 -15.19
C TYR B 77 -6.47 -3.32 -14.94
N GLY B 78 -6.08 -3.50 -13.68
CA GLY B 78 -4.65 -3.65 -13.34
C GLY B 78 -4.03 -4.84 -14.00
N LEU B 79 -4.74 -5.96 -14.04
CA LEU B 79 -4.22 -7.18 -14.69
C LEU B 79 -4.11 -6.94 -16.18
N ALA B 80 -5.09 -6.32 -16.83
CA ALA B 80 -5.01 -6.03 -18.28
C ALA B 80 -3.77 -5.17 -18.62
N ALA B 81 -3.55 -4.07 -17.87
CA ALA B 81 -2.34 -3.22 -18.10
C ALA B 81 -1.09 -4.08 -17.89
N SER B 82 -1.05 -4.90 -16.84
CA SER B 82 0.17 -5.69 -16.48
C SER B 82 0.47 -6.70 -17.58
N PHE B 83 -0.56 -7.41 -18.06
CA PHE B 83 -0.35 -8.43 -19.11
C PHE B 83 0.15 -7.73 -20.37
N GLN B 84 -0.45 -6.59 -20.71
CA GLN B 84 -0.03 -5.81 -21.87
C GLN B 84 1.45 -5.44 -21.73
N ALA B 85 1.83 -4.95 -20.54
CA ALA B 85 3.21 -4.46 -20.30
C ALA B 85 4.21 -5.61 -20.45
N VAL B 86 3.88 -6.77 -19.88
CA VAL B 86 4.78 -7.94 -19.93
C VAL B 86 4.91 -8.41 -21.39
N ARG B 87 3.79 -8.49 -22.11
CA ARG B 87 3.82 -8.86 -23.55
C ARG B 87 4.71 -7.86 -24.31
N ASP B 88 4.52 -6.56 -24.09
CA ASP B 88 5.25 -5.49 -24.79
C ASP B 88 6.74 -5.61 -24.49
N SER B 89 7.11 -6.19 -23.34
CA SER B 89 8.54 -6.21 -22.92
C SER B 89 9.28 -7.32 -23.66
N GLY B 90 8.55 -8.35 -24.13
CA GLY B 90 9.11 -9.58 -24.71
C GLY B 90 9.80 -10.45 -23.67
N LEU B 91 9.69 -10.15 -22.39
CA LEU B 91 10.45 -10.92 -21.37
C LEU B 91 9.94 -12.36 -21.36
N GLU B 92 10.86 -13.31 -21.20
CA GLU B 92 10.55 -14.74 -21.05
C GLU B 92 10.84 -15.11 -19.59
N VAL B 93 9.79 -15.45 -18.86
CA VAL B 93 9.91 -15.94 -17.45
C VAL B 93 10.30 -17.41 -17.52
N THR B 94 11.33 -17.78 -16.74
CA THR B 94 11.93 -19.12 -16.70
C THR B 94 12.18 -19.51 -15.24
N ASP B 95 12.48 -20.78 -14.98
CA ASP B 95 12.92 -21.21 -13.63
C ASP B 95 14.21 -20.47 -13.24
N ALA B 96 15.03 -20.04 -14.18
CA ALA B 96 16.34 -19.41 -13.91
C ALA B 96 16.12 -17.96 -13.48
N ASN B 97 14.98 -17.32 -13.78
CA ASN B 97 14.85 -15.88 -13.46
C ASN B 97 13.57 -15.55 -12.68
N ARG B 98 12.68 -16.51 -12.41
CA ARG B 98 11.35 -16.15 -11.82
C ARG B 98 11.50 -15.59 -10.40
N GLU B 99 12.56 -15.91 -9.66
CA GLU B 99 12.75 -15.37 -8.29
C GLU B 99 13.25 -13.92 -8.37
N ARG B 100 13.62 -13.43 -9.54
CA ARG B 100 14.16 -12.06 -9.74
C ARG B 100 13.10 -11.15 -10.39
N ILE B 101 11.88 -11.63 -10.57
CA ILE B 101 10.80 -10.83 -11.20
C ILE B 101 9.67 -10.66 -10.19
N GLY B 102 9.34 -9.43 -9.85
CA GLY B 102 8.28 -9.15 -8.89
C GLY B 102 7.28 -8.18 -9.43
N VAL B 103 6.37 -7.75 -8.55
N VAL B 103 6.39 -7.70 -8.56
CA VAL B 103 5.17 -6.93 -8.93
CA VAL B 103 5.24 -6.86 -9.02
C VAL B 103 4.90 -5.91 -7.82
C VAL B 103 4.78 -5.96 -7.87
N SER B 104 4.56 -4.69 -8.21
CA SER B 104 4.05 -3.65 -7.29
C SER B 104 3.03 -2.84 -8.07
N MET B 105 1.81 -3.34 -8.09
CA MET B 105 0.67 -2.65 -8.70
C MET B 105 -0.26 -2.22 -7.56
N GLY B 106 -0.58 -0.94 -7.57
CA GLY B 106 -1.35 -0.39 -6.45
C GLY B 106 -2.70 0.17 -6.87
N SER B 107 -3.39 0.69 -5.88
CA SER B 107 -4.66 1.40 -6.07
C SER B 107 -4.85 2.44 -4.96
N GLY B 108 -5.54 3.53 -5.26
CA GLY B 108 -5.85 4.56 -4.25
C GLY B 108 -7.01 4.18 -3.37
N ILE B 109 -8.08 3.67 -3.98
CA ILE B 109 -9.37 3.42 -3.28
C ILE B 109 -9.78 1.95 -3.34
N GLY B 110 -9.31 1.19 -4.33
CA GLY B 110 -9.57 -0.26 -4.35
C GLY B 110 -11.03 -0.56 -4.71
N GLY B 111 -11.59 -1.59 -4.11
CA GLY B 111 -12.74 -2.27 -4.71
C GLY B 111 -14.08 -1.68 -4.28
N LEU B 112 -14.33 -0.40 -4.54
CA LEU B 112 -15.63 0.24 -4.18
C LEU B 112 -16.83 -0.43 -4.87
N THR B 113 -16.73 -0.84 -6.13
CA THR B 113 -17.84 -1.43 -6.90
C THR B 113 -18.25 -2.74 -6.24
N ASN B 114 -17.29 -3.63 -5.97
N ASN B 114 -17.28 -3.60 -5.93
CA ASN B 114 -17.52 -4.90 -5.25
CA ASN B 114 -17.56 -4.91 -5.27
C ASN B 114 -18.11 -4.63 -3.86
C ASN B 114 -18.07 -4.67 -3.84
N ILE B 115 -17.56 -3.66 -3.14
CA ILE B 115 -18.04 -3.31 -1.76
C ILE B 115 -19.51 -2.89 -1.86
N GLU B 116 -19.83 -2.06 -2.82
CA GLU B 116 -21.22 -1.60 -3.10
C GLU B 116 -22.13 -2.80 -3.31
N ASN B 117 -21.75 -3.69 -4.22
CA ASN B 117 -22.63 -4.80 -4.66
C ASN B 117 -22.78 -5.78 -3.49
N ASN B 118 -21.72 -5.98 -2.69
CA ASN B 118 -21.79 -6.92 -1.53
C ASN B 118 -22.55 -6.26 -0.36
N CYS B 119 -22.48 -4.93 -0.23
CA CYS B 119 -23.35 -4.20 0.73
C CYS B 119 -24.82 -4.43 0.42
N ARG B 120 -25.18 -4.35 -0.85
CA ARG B 120 -26.56 -4.63 -1.33
C ARG B 120 -26.96 -6.04 -0.86
N SER B 121 -26.15 -7.07 -1.13
CA SER B 121 -26.45 -8.47 -0.68
C SER B 121 -26.66 -8.49 0.83
N LEU B 122 -25.73 -7.91 1.57
CA LEU B 122 -25.69 -7.97 3.05
C LEU B 122 -26.96 -7.34 3.63
N PHE B 123 -27.31 -6.16 3.13
CA PHE B 123 -28.39 -5.32 3.69
C PHE B 123 -29.74 -5.94 3.35
N GLU B 124 -29.84 -6.53 2.15
CA GLU B 124 -31.11 -7.05 1.59
C GLU B 124 -31.38 -8.51 2.01
N GLN B 125 -30.33 -9.29 2.26
N GLN B 125 -30.35 -9.33 2.24
CA GLN B 125 -30.42 -10.77 2.42
CA GLN B 125 -30.59 -10.75 2.62
C GLN B 125 -29.55 -11.30 3.57
C GLN B 125 -29.50 -11.31 3.56
N GLY B 126 -28.82 -10.45 4.30
CA GLY B 126 -27.92 -10.89 5.38
C GLY B 126 -26.59 -11.43 4.88
N PRO B 127 -25.69 -11.79 5.81
CA PRO B 127 -24.28 -12.04 5.51
C PRO B 127 -24.04 -13.29 4.69
N ARG B 128 -24.96 -14.26 4.73
CA ARG B 128 -24.74 -15.60 4.11
C ARG B 128 -24.82 -15.47 2.58
N ARG B 129 -25.25 -14.32 2.06
CA ARG B 129 -25.27 -14.04 0.59
C ARG B 129 -24.06 -13.22 0.13
N ILE B 130 -23.14 -12.84 1.04
CA ILE B 130 -21.87 -12.19 0.62
C ILE B 130 -21.06 -13.22 -0.20
N SER B 131 -20.44 -12.80 -1.30
CA SER B 131 -19.60 -13.68 -2.15
C SER B 131 -18.44 -14.27 -1.36
N PRO B 132 -18.15 -15.58 -1.51
CA PRO B 132 -16.97 -16.20 -0.93
C PRO B 132 -15.66 -15.50 -1.37
N PHE B 133 -15.70 -14.87 -2.53
CA PHE B 133 -14.52 -14.22 -3.13
C PHE B 133 -14.51 -12.73 -2.80
N PHE B 134 -15.44 -12.25 -1.99
CA PHE B 134 -15.50 -10.81 -1.65
C PHE B 134 -14.10 -10.32 -1.24
N VAL B 135 -13.48 -10.94 -0.25
CA VAL B 135 -12.24 -10.35 0.32
C VAL B 135 -11.14 -10.45 -0.71
N PRO B 136 -10.74 -11.65 -1.22
CA PRO B 136 -9.59 -11.70 -2.11
C PRO B 136 -9.89 -11.01 -3.44
N GLY B 137 -11.16 -10.87 -3.82
CA GLY B 137 -11.52 -10.22 -5.08
C GLY B 137 -11.64 -8.70 -4.95
N SER B 138 -11.41 -8.14 -3.75
CA SER B 138 -11.61 -6.68 -3.52
C SER B 138 -10.35 -6.00 -2.99
N ILE B 139 -9.42 -6.72 -2.38
CA ILE B 139 -8.23 -6.12 -1.69
C ILE B 139 -7.18 -5.71 -2.71
N ILE B 140 -6.47 -4.65 -2.37
CA ILE B 140 -5.67 -3.88 -3.36
C ILE B 140 -4.48 -4.72 -3.84
N ASN B 141 -3.97 -5.60 -3.00
CA ASN B 141 -2.74 -6.35 -3.36
C ASN B 141 -3.07 -7.50 -4.33
N MET B 142 -4.30 -7.63 -4.83
CA MET B 142 -4.63 -8.83 -5.64
C MET B 142 -4.24 -8.63 -7.11
N VAL B 143 -3.93 -7.44 -7.58
CA VAL B 143 -3.35 -7.30 -8.93
C VAL B 143 -1.96 -7.93 -8.87
N SER B 144 -1.13 -7.52 -7.89
CA SER B 144 0.20 -8.16 -7.69
C SER B 144 0.02 -9.65 -7.47
N GLY B 145 -0.91 -10.05 -6.60
CA GLY B 145 -1.13 -11.47 -6.28
C GLY B 145 -1.51 -12.24 -7.52
N PHE B 146 -2.55 -11.83 -8.25
CA PHE B 146 -3.07 -12.62 -9.39
C PHE B 146 -2.04 -12.62 -10.52
N LEU B 147 -1.34 -11.50 -10.69
CA LEU B 147 -0.33 -11.46 -11.76
C LEU B 147 0.80 -12.43 -11.43
N SER B 148 1.31 -12.41 -10.20
N SER B 148 1.32 -12.38 -10.20
CA SER B 148 2.40 -13.31 -9.75
CA SER B 148 2.37 -13.29 -9.69
C SER B 148 1.97 -14.77 -9.95
C SER B 148 1.95 -14.75 -9.97
N ILE B 149 0.73 -15.11 -9.59
CA ILE B 149 0.23 -16.50 -9.75
C ILE B 149 0.15 -16.86 -11.23
N HIS B 150 -0.42 -16.00 -12.06
CA HIS B 150 -0.63 -16.29 -13.51
C HIS B 150 0.72 -16.46 -14.24
N LEU B 151 1.71 -15.62 -13.95
CA LEU B 151 2.98 -15.59 -14.75
C LEU B 151 4.10 -16.34 -14.00
N GLY B 152 3.86 -16.79 -12.76
CA GLY B 152 4.86 -17.53 -11.97
C GLY B 152 5.95 -16.62 -11.45
N LEU B 153 5.60 -15.39 -11.07
CA LEU B 153 6.59 -14.41 -10.56
C LEU B 153 6.82 -14.62 -9.06
N GLN B 154 8.07 -14.81 -8.66
CA GLN B 154 8.42 -15.19 -7.27
C GLN B 154 9.22 -14.08 -6.59
N GLY B 155 9.49 -12.97 -7.27
CA GLY B 155 10.22 -11.81 -6.71
C GLY B 155 9.35 -11.04 -5.73
N PRO B 156 9.85 -9.88 -5.28
CA PRO B 156 9.12 -9.03 -4.33
C PRO B 156 7.71 -8.80 -4.87
N ASN B 157 6.74 -9.03 -3.97
N ASN B 157 6.72 -8.99 -3.99
CA ASN B 157 5.30 -8.97 -4.29
CA ASN B 157 5.28 -8.96 -4.34
C ASN B 157 4.61 -8.06 -3.27
C ASN B 157 4.54 -8.10 -3.31
N TYR B 158 4.16 -6.89 -3.70
CA TYR B 158 3.54 -5.92 -2.79
C TYR B 158 2.67 -4.97 -3.60
N ALA B 159 2.05 -4.08 -2.85
CA ALA B 159 1.11 -3.08 -3.38
C ALA B 159 1.18 -1.84 -2.50
N LEU B 160 1.34 -0.68 -3.15
CA LEU B 160 1.23 0.63 -2.47
C LEU B 160 -0.21 1.12 -2.55
N THR B 161 -0.59 1.97 -1.60
CA THR B 161 -1.86 2.71 -1.65
C THR B 161 -1.58 4.09 -1.02
N THR B 162 -1.29 5.05 -1.88
CA THR B 162 -1.00 6.45 -1.49
C THR B 162 -1.93 7.37 -2.24
N ALA B 163 -3.23 7.06 -2.19
CA ALA B 163 -4.27 7.89 -2.81
C ALA B 163 -3.87 8.24 -4.24
N GLN B 164 -3.85 9.53 -4.59
CA GLN B 164 -3.60 9.99 -5.97
C GLN B 164 -2.10 9.90 -6.31
N THR B 165 -1.23 9.48 -5.39
CA THR B 165 0.23 9.37 -5.63
C THR B 165 0.62 7.93 -5.93
N THR B 166 -0.35 7.01 -5.83
CA THR B 166 -0.06 5.56 -5.82
C THR B 166 0.83 5.12 -6.99
N GLY B 167 0.39 5.42 -8.20
CA GLY B 167 1.08 4.93 -9.41
C GLY B 167 2.52 5.44 -9.46
N THR B 168 2.75 6.67 -9.07
CA THR B 168 4.11 7.27 -9.07
C THR B 168 4.96 6.56 -8.01
N HIS B 169 4.45 6.41 -6.81
CA HIS B 169 5.21 5.74 -5.71
C HIS B 169 5.47 4.27 -6.08
N SER B 170 4.51 3.62 -6.73
CA SER B 170 4.62 2.18 -7.07
C SER B 170 5.82 2.02 -8.01
N ILE B 171 5.86 2.85 -9.03
CA ILE B 171 6.96 2.78 -10.04
C ILE B 171 8.30 3.12 -9.37
N GLY B 172 8.32 4.15 -8.53
CA GLY B 172 9.57 4.59 -7.91
C GLY B 172 10.16 3.52 -6.99
N MET B 173 9.31 2.93 -6.14
N MET B 173 9.33 2.89 -6.16
CA MET B 173 9.75 1.91 -5.15
CA MET B 173 9.83 1.90 -5.16
C MET B 173 10.18 0.63 -5.90
C MET B 173 10.15 0.57 -5.86
N ALA B 174 9.45 0.26 -6.96
CA ALA B 174 9.81 -0.91 -7.81
C ALA B 174 11.22 -0.64 -8.38
N ALA B 175 11.50 0.58 -8.81
CA ALA B 175 12.82 0.96 -9.37
C ALA B 175 13.89 0.82 -8.31
N ARG B 176 13.56 1.16 -7.06
CA ARG B 176 14.52 0.94 -5.93
C ARG B 176 14.81 -0.56 -5.77
N ASN B 177 13.79 -1.42 -5.82
CA ASN B 177 14.04 -2.88 -5.70
C ASN B 177 15.12 -3.28 -6.73
N ILE B 178 15.04 -2.79 -7.95
CA ILE B 178 15.97 -3.24 -9.01
C ILE B 178 17.33 -2.60 -8.77
N ALA B 179 17.35 -1.31 -8.50
CA ALA B 179 18.60 -0.54 -8.39
C ALA B 179 19.45 -1.13 -7.26
N TYR B 180 18.84 -1.56 -6.18
CA TYR B 180 19.57 -2.03 -4.98
C TYR B 180 19.65 -3.56 -4.98
N GLY B 181 19.30 -4.23 -6.09
CA GLY B 181 19.66 -5.64 -6.33
C GLY B 181 18.69 -6.66 -5.74
N GLU B 182 17.49 -6.24 -5.30
CA GLU B 182 16.46 -7.14 -4.71
C GLU B 182 15.63 -7.80 -5.83
N ALA B 183 15.70 -7.28 -7.05
CA ALA B 183 15.02 -7.84 -8.23
C ALA B 183 15.75 -7.39 -9.49
N ASP B 184 15.58 -8.11 -10.61
CA ASP B 184 16.07 -7.64 -11.93
C ASP B 184 14.94 -7.05 -12.77
N VAL B 185 13.69 -7.45 -12.52
CA VAL B 185 12.50 -7.00 -13.27
C VAL B 185 11.38 -6.77 -12.26
N MET B 186 10.66 -5.68 -12.44
CA MET B 186 9.42 -5.42 -11.66
C MET B 186 8.33 -4.94 -12.60
N VAL B 187 7.10 -5.43 -12.39
CA VAL B 187 5.91 -4.87 -13.07
C VAL B 187 5.29 -3.86 -12.10
N ALA B 188 5.15 -2.60 -12.45
CA ALA B 188 4.75 -1.55 -11.48
C ALA B 188 3.79 -0.56 -12.11
N GLY B 189 2.94 0.01 -11.28
CA GLY B 189 1.90 0.90 -11.76
C GLY B 189 0.72 0.91 -10.84
N GLY B 190 -0.47 1.15 -11.38
CA GLY B 190 -1.68 1.20 -10.55
C GLY B 190 -2.92 1.12 -11.40
N SER B 191 -4.05 0.97 -10.73
CA SER B 191 -5.36 0.85 -11.38
C SER B 191 -6.42 1.38 -10.43
N GLU B 192 -7.53 1.79 -11.00
CA GLU B 192 -8.60 2.46 -10.24
C GLU B 192 -9.90 2.32 -11.01
N MET B 193 -10.99 2.03 -10.29
N MET B 193 -10.96 2.00 -10.26
CA MET B 193 -12.38 2.06 -10.81
CA MET B 193 -12.38 1.98 -10.72
C MET B 193 -13.30 2.50 -9.65
C MET B 193 -13.25 2.49 -9.57
N ALA B 194 -13.35 3.80 -9.43
CA ALA B 194 -14.12 4.46 -8.34
C ALA B 194 -15.33 5.19 -8.93
N ALA B 195 -15.71 4.99 -10.19
CA ALA B 195 -16.99 5.50 -10.75
C ALA B 195 -18.15 4.62 -10.31
N CYS B 196 -18.42 4.60 -9.03
CA CYS B 196 -19.64 3.99 -8.49
C CYS B 196 -20.29 5.10 -7.69
N GLY B 197 -21.44 4.82 -7.10
CA GLY B 197 -22.15 5.78 -6.25
C GLY B 197 -21.21 6.30 -5.20
N LEU B 198 -20.43 5.42 -4.57
CA LEU B 198 -19.58 5.74 -3.42
C LEU B 198 -18.47 6.71 -3.84
N GLY B 199 -17.83 6.50 -4.99
CA GLY B 199 -16.76 7.40 -5.48
C GLY B 199 -17.32 8.75 -5.90
N LEU B 200 -18.28 8.77 -6.82
CA LEU B 200 -18.89 10.04 -7.28
C LEU B 200 -19.60 10.66 -6.09
N GLY B 201 -20.27 9.85 -5.26
CA GLY B 201 -20.93 10.36 -4.04
C GLY B 201 -19.94 10.88 -3.00
N GLY B 202 -18.87 10.13 -2.75
CA GLY B 202 -17.85 10.49 -1.75
C GLY B 202 -17.10 11.75 -2.12
N PHE B 203 -16.55 11.83 -3.33
CA PHE B 203 -15.85 13.06 -3.80
C PHE B 203 -16.86 14.22 -3.92
N GLY B 204 -18.07 13.94 -4.38
CA GLY B 204 -19.15 14.92 -4.52
C GLY B 204 -19.52 15.54 -3.18
N ALA B 205 -19.58 14.74 -2.11
CA ALA B 205 -19.92 15.21 -0.75
C ALA B 205 -18.84 16.17 -0.25
N ALA B 206 -17.59 16.02 -0.71
CA ALA B 206 -16.48 16.95 -0.36
C ALA B 206 -16.46 18.15 -1.32
N ARG B 207 -17.36 18.21 -2.30
CA ARG B 207 -17.45 19.20 -3.42
C ARG B 207 -16.08 19.37 -4.05
N ALA B 208 -15.41 18.25 -4.32
CA ALA B 208 -14.06 18.18 -4.90
C ALA B 208 -14.14 18.11 -6.42
N LEU B 209 -15.28 17.67 -6.95
CA LEU B 209 -15.47 17.38 -8.39
C LEU B 209 -15.99 18.61 -9.14
N SER B 210 -15.55 18.78 -10.37
CA SER B 210 -16.21 19.66 -11.35
C SER B 210 -17.68 19.24 -11.47
N THR B 211 -18.61 20.22 -11.52
CA THR B 211 -20.06 19.96 -11.73
C THR B 211 -20.48 20.51 -13.10
N ARG B 212 -19.56 20.62 -14.07
CA ARG B 212 -19.84 21.12 -15.44
C ARG B 212 -20.55 20.03 -16.27
N ASN B 213 -21.75 19.62 -15.84
CA ASN B 213 -22.53 18.51 -16.45
C ASN B 213 -22.94 18.83 -17.88
N ASP B 214 -23.12 20.11 -18.21
CA ASP B 214 -23.58 20.53 -19.56
C ASP B 214 -22.44 20.34 -20.56
N GLU B 215 -21.17 20.37 -20.12
CA GLU B 215 -20.01 20.28 -21.05
C GLU B 215 -18.89 19.42 -20.44
N PRO B 216 -19.11 18.10 -20.32
CA PRO B 216 -18.16 17.21 -19.65
C PRO B 216 -16.73 17.31 -20.18
N THR B 217 -16.55 17.47 -21.49
CA THR B 217 -15.22 17.53 -22.15
C THR B 217 -14.48 18.84 -21.86
N ARG B 218 -15.18 19.86 -21.35
CA ARG B 218 -14.55 21.15 -20.93
C ARG B 218 -14.34 21.18 -19.41
N ALA B 219 -14.79 20.16 -18.68
CA ALA B 219 -14.78 20.18 -17.21
C ALA B 219 -13.34 20.27 -16.71
N SER B 220 -12.46 19.39 -17.21
CA SER B 220 -11.04 19.27 -16.77
C SER B 220 -10.24 20.35 -17.49
N ARG B 221 -9.89 21.42 -16.76
CA ARG B 221 -9.24 22.60 -17.40
C ARG B 221 -8.16 23.13 -16.47
N PRO B 222 -7.06 22.37 -16.28
CA PRO B 222 -6.01 22.77 -15.34
C PRO B 222 -5.43 24.15 -15.68
N TRP B 223 -5.27 24.94 -14.63
CA TRP B 223 -4.73 26.33 -14.63
C TRP B 223 -5.65 27.34 -15.32
N ASP B 224 -6.84 26.94 -15.78
CA ASP B 224 -7.84 27.85 -16.38
C ASP B 224 -8.62 28.55 -15.27
N ARG B 225 -8.98 29.80 -15.45
CA ARG B 225 -9.56 30.59 -14.33
C ARG B 225 -10.95 30.05 -13.96
N ASP B 226 -11.59 29.29 -14.85
CA ASP B 226 -12.98 28.81 -14.72
C ASP B 226 -13.04 27.33 -14.28
N ARG B 227 -11.92 26.75 -13.85
CA ARG B 227 -11.88 25.35 -13.34
C ARG B 227 -12.69 25.29 -12.04
N ASP B 228 -13.27 24.13 -11.74
CA ASP B 228 -14.14 23.97 -10.54
C ASP B 228 -13.98 22.56 -9.95
N GLY B 229 -12.80 21.97 -10.09
CA GLY B 229 -12.40 20.73 -9.40
C GLY B 229 -12.13 19.61 -10.39
N PHE B 230 -11.73 18.45 -9.90
CA PHE B 230 -11.18 17.41 -10.80
C PHE B 230 -12.34 16.61 -11.39
N VAL B 231 -11.97 15.76 -12.34
CA VAL B 231 -12.89 14.84 -13.06
C VAL B 231 -12.44 13.42 -12.73
N LEU B 232 -13.38 12.60 -12.27
CA LEU B 232 -13.08 11.24 -11.79
C LEU B 232 -12.95 10.32 -13.00
N SER B 233 -11.87 9.55 -13.07
CA SER B 233 -11.60 8.68 -14.25
C SER B 233 -11.09 7.31 -13.79
N ASP B 234 -11.27 6.35 -14.69
CA ASP B 234 -10.96 4.92 -14.44
C ASP B 234 -9.84 4.48 -15.36
N GLY B 235 -9.13 3.44 -14.94
CA GLY B 235 -8.23 2.71 -15.84
C GLY B 235 -6.99 2.23 -15.12
N SER B 236 -5.88 2.13 -15.81
CA SER B 236 -4.69 1.44 -15.29
C SER B 236 -3.48 1.74 -16.14
N GLY B 237 -2.32 1.75 -15.49
CA GLY B 237 -1.03 1.76 -16.21
C GLY B 237 -0.06 0.82 -15.55
N ALA B 238 0.72 0.13 -16.37
CA ALA B 238 1.77 -0.79 -15.90
C ALA B 238 3.01 -0.61 -16.74
N LEU B 239 4.14 -0.66 -16.07
CA LEU B 239 5.45 -0.58 -16.74
C LEU B 239 6.23 -1.79 -16.34
N VAL B 240 6.99 -2.31 -17.29
CA VAL B 240 8.06 -3.26 -16.96
C VAL B 240 9.37 -2.50 -16.78
N LEU B 241 9.84 -2.50 -15.54
CA LEU B 241 11.13 -1.92 -15.13
C LEU B 241 12.13 -3.06 -15.13
N GLU B 242 13.35 -2.75 -15.54
CA GLU B 242 14.33 -3.81 -15.82
C GLU B 242 15.73 -3.23 -15.57
N GLU B 243 16.57 -4.01 -14.95
CA GLU B 243 17.99 -3.65 -14.77
C GLU B 243 18.61 -3.54 -16.17
N LEU B 244 19.43 -2.52 -16.40
CA LEU B 244 19.97 -2.19 -17.74
C LEU B 244 20.72 -3.38 -18.34
N GLU B 245 21.68 -3.95 -17.63
CA GLU B 245 22.52 -5.07 -18.17
C GLU B 245 21.60 -6.27 -18.50
N HIS B 246 20.61 -6.55 -17.67
CA HIS B 246 19.59 -7.60 -17.94
C HIS B 246 18.86 -7.31 -19.27
N ALA B 247 18.42 -6.08 -19.50
CA ALA B 247 17.68 -5.64 -20.70
C ALA B 247 18.59 -5.75 -21.93
N ARG B 248 19.83 -5.28 -21.85
CA ARG B 248 20.79 -5.35 -23.00
C ARG B 248 21.12 -6.80 -23.33
N ALA B 249 21.33 -7.65 -22.33
CA ALA B 249 21.74 -9.06 -22.56
C ALA B 249 20.70 -9.77 -23.45
N ARG B 250 19.41 -9.51 -23.24
CA ARG B 250 18.38 -10.22 -24.05
C ARG B 250 17.92 -9.37 -25.26
N GLY B 251 18.48 -8.18 -25.51
CA GLY B 251 18.17 -7.38 -26.69
C GLY B 251 16.80 -6.74 -26.59
N ALA B 252 16.43 -6.36 -25.37
CA ALA B 252 15.15 -5.67 -25.11
C ALA B 252 15.14 -4.33 -25.85
N ARG B 253 13.96 -3.89 -26.28
CA ARG B 253 13.71 -2.53 -26.75
C ARG B 253 13.57 -1.72 -25.45
N ILE B 254 14.41 -0.71 -25.30
CA ILE B 254 14.41 0.23 -24.15
C ILE B 254 13.73 1.52 -24.55
N TYR B 255 12.62 1.86 -23.89
CA TYR B 255 11.92 3.12 -24.19
C TYR B 255 12.69 4.34 -23.63
N ALA B 256 13.18 4.23 -22.40
CA ALA B 256 13.71 5.36 -21.61
C ALA B 256 14.33 4.80 -20.34
N GLU B 257 15.08 5.65 -19.66
CA GLU B 257 15.75 5.30 -18.39
C GLU B 257 15.03 6.00 -17.25
N LEU B 258 14.83 5.28 -16.15
CA LEU B 258 14.27 5.90 -14.93
C LEU B 258 15.47 6.27 -14.06
N VAL B 259 15.80 7.56 -13.95
CA VAL B 259 17.08 8.00 -13.32
C VAL B 259 16.84 8.59 -11.93
N GLY B 260 15.61 9.03 -11.62
CA GLY B 260 15.30 9.68 -10.34
C GLY B 260 13.92 9.33 -9.80
N PHE B 261 13.86 9.29 -8.48
CA PHE B 261 12.61 9.15 -7.69
C PHE B 261 12.73 9.98 -6.41
N GLY B 262 11.75 10.84 -6.23
CA GLY B 262 11.59 11.63 -5.02
C GLY B 262 10.25 11.36 -4.39
N MET B 263 10.27 11.49 -3.08
CA MET B 263 9.13 11.41 -2.16
C MET B 263 9.28 12.60 -1.21
N SER B 264 8.15 13.12 -0.79
CA SER B 264 8.09 14.03 0.35
C SER B 264 6.70 13.97 0.94
N GLY B 265 6.57 14.47 2.16
CA GLY B 265 5.28 14.79 2.79
C GLY B 265 5.17 16.28 2.96
N ASP B 266 4.04 16.87 2.61
CA ASP B 266 3.69 18.29 2.90
C ASP B 266 3.64 18.51 4.43
N ALA B 267 3.09 17.54 5.16
CA ALA B 267 2.68 17.68 6.57
C ALA B 267 1.83 18.96 6.76
N PHE B 268 0.88 19.20 5.89
CA PHE B 268 0.11 20.46 5.82
C PHE B 268 -1.38 20.19 6.12
N HIS B 269 -2.09 19.49 5.24
CA HIS B 269 -3.57 19.32 5.30
C HIS B 269 -3.98 17.99 4.69
N MET B 270 -5.15 17.50 5.09
CA MET B 270 -5.62 16.15 4.75
C MET B 270 -5.92 16.05 3.27
N THR B 271 -6.38 17.12 2.61
CA THR B 271 -6.81 17.09 1.20
C THR B 271 -6.21 18.23 0.35
N ALA B 272 -5.88 19.37 0.92
CA ALA B 272 -5.41 20.57 0.19
C ALA B 272 -3.89 20.66 0.30
N PRO B 273 -3.18 21.03 -0.78
CA PRO B 273 -1.75 21.31 -0.70
C PRO B 273 -1.50 22.71 -0.18
N PRO B 274 -0.30 23.02 0.33
CA PRO B 274 0.05 24.40 0.68
C PRO B 274 0.09 25.29 -0.58
N GLU B 275 -0.32 26.55 -0.42
CA GLU B 275 -0.50 27.50 -1.54
C GLU B 275 0.79 27.64 -2.36
N ASP B 276 1.94 27.63 -1.68
CA ASP B 276 3.31 27.80 -2.27
C ASP B 276 3.87 26.46 -2.78
N GLY B 277 3.16 25.35 -2.59
CA GLY B 277 3.62 24.03 -3.08
C GLY B 277 4.96 23.64 -2.52
N ALA B 278 5.25 24.00 -1.27
CA ALA B 278 6.56 23.74 -0.64
C ALA B 278 6.91 22.24 -0.68
N GLY B 279 5.93 21.38 -0.45
CA GLY B 279 6.20 19.92 -0.40
C GLY B 279 6.50 19.38 -1.78
N ALA B 280 5.71 19.78 -2.77
CA ALA B 280 5.95 19.44 -4.21
C ALA B 280 7.34 19.94 -4.64
N ALA B 281 7.77 21.13 -4.19
CA ALA B 281 9.14 21.62 -4.47
C ALA B 281 10.22 20.74 -3.83
N ARG B 282 10.09 20.33 -2.56
CA ARG B 282 11.06 19.44 -1.87
C ARG B 282 11.13 18.10 -2.60
N CYS B 283 9.98 17.61 -3.04
CA CYS B 283 9.86 16.30 -3.71
C CYS B 283 10.61 16.35 -5.04
N MET B 284 10.33 17.35 -5.89
CA MET B 284 11.07 17.53 -7.17
C MET B 284 12.59 17.67 -6.90
N LYS B 285 13.02 18.49 -5.94
CA LYS B 285 14.46 18.66 -5.60
C LYS B 285 15.03 17.31 -5.18
N ASN B 286 14.29 16.54 -4.39
CA ASN B 286 14.74 15.19 -3.98
C ASN B 286 14.93 14.30 -5.21
N ALA B 287 14.01 14.37 -6.17
CA ALA B 287 14.04 13.50 -7.37
C ALA B 287 15.25 13.88 -8.24
N LEU B 288 15.49 15.19 -8.38
CA LEU B 288 16.63 15.68 -9.21
C LEU B 288 17.96 15.33 -8.54
N ARG B 289 18.08 15.48 -7.23
CA ARG B 289 19.28 15.07 -6.46
C ARG B 289 19.49 13.57 -6.67
N ASP B 290 18.43 12.77 -6.54
CA ASP B 290 18.51 11.30 -6.72
C ASP B 290 19.08 10.98 -8.12
N ALA B 291 18.72 11.75 -9.14
CA ALA B 291 19.12 11.56 -10.55
C ALA B 291 20.49 12.20 -10.83
N GLY B 292 21.05 12.92 -9.86
CA GLY B 292 22.27 13.75 -10.03
C GLY B 292 22.11 14.77 -11.14
N LEU B 293 20.92 15.36 -11.29
CA LEU B 293 20.64 16.36 -12.34
C LEU B 293 20.37 17.73 -11.73
N ASP B 294 20.78 18.77 -12.43
N ASP B 294 20.82 18.78 -12.40
CA ASP B 294 20.51 20.19 -12.13
CA ASP B 294 20.48 20.18 -12.05
C ASP B 294 19.08 20.49 -12.61
C ASP B 294 19.08 20.47 -12.59
N PRO B 295 18.26 21.29 -11.89
CA PRO B 295 16.96 21.68 -12.42
C PRO B 295 16.98 22.16 -13.87
N ARG B 296 18.07 22.81 -14.27
CA ARG B 296 18.23 23.37 -15.64
C ARG B 296 18.17 22.28 -16.72
N GLN B 297 18.45 21.02 -16.39
CA GLN B 297 18.46 19.90 -17.36
C GLN B 297 17.04 19.39 -17.66
N VAL B 298 16.03 19.79 -16.88
CA VAL B 298 14.63 19.32 -17.08
C VAL B 298 14.02 20.02 -18.30
N ASP B 299 13.37 19.24 -19.15
CA ASP B 299 12.79 19.73 -20.41
C ASP B 299 11.28 19.71 -20.35
N TYR B 300 10.69 18.66 -19.76
CA TYR B 300 9.23 18.44 -19.81
C TYR B 300 8.76 17.92 -18.44
N ILE B 301 7.66 18.50 -17.97
CA ILE B 301 6.99 18.09 -16.73
C ILE B 301 5.56 17.68 -17.06
N ASN B 302 5.26 16.41 -16.73
CA ASN B 302 3.86 15.97 -16.68
C ASN B 302 3.37 16.29 -15.27
N ALA B 303 2.63 17.39 -15.19
CA ALA B 303 2.10 17.96 -13.93
C ALA B 303 1.12 16.97 -13.34
N HIS B 304 0.87 17.09 -12.05
CA HIS B 304 -0.30 16.46 -11.42
C HIS B 304 -1.55 17.13 -12.02
N GLY B 305 -1.62 18.46 -11.98
CA GLY B 305 -2.59 19.24 -12.78
C GLY B 305 -4.02 18.72 -12.72
N THR B 306 -4.61 18.66 -11.55
CA THR B 306 -5.94 18.01 -11.34
C THR B 306 -7.13 18.90 -11.73
N SER B 307 -6.95 20.22 -11.98
CA SER B 307 -8.06 21.20 -12.24
C SER B 307 -8.75 21.58 -10.91
N THR B 308 -8.09 21.42 -9.78
CA THR B 308 -8.57 21.98 -8.48
C THR B 308 -7.97 23.37 -8.34
N PRO B 309 -8.74 24.36 -7.88
CA PRO B 309 -8.20 25.71 -7.75
C PRO B 309 -6.84 25.73 -7.03
N ALA B 310 -6.74 25.21 -5.81
CA ALA B 310 -5.50 25.33 -4.99
C ALA B 310 -4.37 24.43 -5.54
N GLY B 311 -4.64 23.19 -5.97
CA GLY B 311 -3.59 22.26 -6.44
C GLY B 311 -2.83 22.79 -7.64
N ASP B 312 -3.55 23.27 -8.66
CA ASP B 312 -2.98 23.82 -9.91
C ASP B 312 -2.03 24.97 -9.55
N ILE B 313 -2.47 25.91 -8.69
CA ILE B 313 -1.63 27.10 -8.36
C ILE B 313 -0.40 26.67 -7.52
N ALA B 314 -0.51 25.71 -6.59
CA ALA B 314 0.64 25.19 -5.82
C ALA B 314 1.73 24.64 -6.75
N GLU B 315 1.34 23.95 -7.82
N GLU B 315 1.32 23.98 -7.83
CA GLU B 315 2.31 23.34 -8.76
CA GLU B 315 2.25 23.32 -8.78
C GLU B 315 3.06 24.42 -9.54
C GLU B 315 3.02 24.40 -9.56
N ILE B 316 2.36 25.49 -9.93
CA ILE B 316 3.03 26.66 -10.58
C ILE B 316 4.07 27.19 -9.59
N ALA B 317 3.68 27.47 -8.36
CA ALA B 317 4.63 28.01 -7.35
C ALA B 317 5.81 27.06 -7.15
N ALA B 318 5.54 25.76 -7.00
CA ALA B 318 6.60 24.76 -6.78
C ALA B 318 7.59 24.74 -7.96
N VAL B 319 7.10 24.81 -9.20
CA VAL B 319 7.98 24.79 -10.41
C VAL B 319 8.81 26.09 -10.48
N LYS B 320 8.20 27.25 -10.22
CA LYS B 320 8.97 28.54 -10.20
C LYS B 320 10.05 28.47 -9.11
N SER B 321 9.71 27.94 -7.93
CA SER B 321 10.68 27.82 -6.82
C SER B 321 11.82 26.90 -7.22
N VAL B 322 11.51 25.73 -7.77
CA VAL B 322 12.55 24.73 -8.06
C VAL B 322 13.44 25.21 -9.22
N PHE B 323 12.84 25.76 -10.29
CA PHE B 323 13.51 25.88 -11.61
C PHE B 323 14.03 27.31 -11.79
N GLY B 324 13.56 28.28 -11.01
CA GLY B 324 14.05 29.68 -11.08
C GLY B 324 14.04 30.19 -12.52
N GLU B 325 15.22 30.55 -13.06
CA GLU B 325 15.34 31.17 -14.40
C GLU B 325 15.11 30.16 -15.54
N HIS B 326 14.99 28.85 -15.25
CA HIS B 326 14.68 27.82 -16.26
C HIS B 326 13.18 27.48 -16.28
N ALA B 327 12.40 28.01 -15.36
CA ALA B 327 10.98 27.64 -15.15
C ALA B 327 10.12 27.84 -16.40
N HIS B 328 10.43 28.86 -17.22
CA HIS B 328 9.69 29.18 -18.47
C HIS B 328 10.22 28.38 -19.66
N ALA B 329 11.43 27.86 -19.60
CA ALA B 329 12.11 27.18 -20.74
C ALA B 329 11.55 25.76 -20.88
N LEU B 330 11.39 25.05 -19.76
CA LEU B 330 10.72 23.73 -19.78
C LEU B 330 9.27 23.93 -20.24
N SER B 331 8.65 22.83 -20.64
CA SER B 331 7.22 22.74 -20.96
C SER B 331 6.56 21.93 -19.85
N MET B 332 5.42 22.35 -19.37
CA MET B 332 4.67 21.57 -18.34
C MET B 332 3.23 21.44 -18.81
N SER B 333 2.69 20.22 -18.83
CA SER B 333 1.28 20.04 -19.26
C SER B 333 0.59 19.04 -18.32
N SER B 334 -0.72 19.22 -18.19
CA SER B 334 -1.62 18.26 -17.51
C SER B 334 -2.36 17.44 -18.55
N THR B 335 -1.98 16.17 -18.71
CA THR B 335 -2.77 15.23 -19.53
C THR B 335 -4.13 14.95 -18.87
N LYS B 336 -4.34 15.29 -17.59
CA LYS B 336 -5.67 15.18 -16.93
C LYS B 336 -6.70 16.07 -17.64
N SER B 337 -6.27 17.08 -18.40
CA SER B 337 -7.18 17.91 -19.22
C SER B 337 -7.98 17.04 -20.19
N MET B 338 -7.39 15.90 -20.59
CA MET B 338 -7.99 14.95 -21.55
C MET B 338 -8.49 13.68 -20.82
N THR B 339 -7.69 13.14 -19.91
CA THR B 339 -7.97 11.78 -19.34
C THR B 339 -8.89 11.90 -18.13
N GLY B 340 -8.95 13.08 -17.51
CA GLY B 340 -9.43 13.19 -16.13
C GLY B 340 -8.43 12.56 -15.18
N HIS B 341 -8.84 12.44 -13.93
CA HIS B 341 -7.99 12.09 -12.79
C HIS B 341 -8.22 10.60 -12.49
N LEU B 342 -7.26 9.74 -12.82
CA LEU B 342 -7.37 8.26 -12.58
C LEU B 342 -6.94 7.89 -11.15
N LEU B 343 -6.80 8.90 -10.27
CA LEU B 343 -6.50 8.70 -8.84
C LEU B 343 -5.26 7.81 -8.71
N GLY B 344 -5.36 6.59 -8.19
CA GLY B 344 -4.14 5.79 -7.96
C GLY B 344 -3.48 5.34 -9.26
N ALA B 345 -4.18 5.36 -10.39
CA ALA B 345 -3.58 4.99 -11.69
C ALA B 345 -3.07 6.24 -12.40
N ALA B 346 -3.36 7.45 -11.89
CA ALA B 346 -2.92 8.68 -12.58
C ALA B 346 -1.41 8.65 -12.80
N GLY B 347 -0.61 8.41 -11.76
CA GLY B 347 0.84 8.44 -11.88
C GLY B 347 1.36 7.36 -12.79
N ALA B 348 0.63 6.26 -12.91
CA ALA B 348 1.05 5.16 -13.80
C ALA B 348 0.84 5.57 -15.27
N VAL B 349 -0.37 6.04 -15.63
CA VAL B 349 -0.60 6.42 -17.05
C VAL B 349 0.29 7.64 -17.38
N GLU B 350 0.58 8.49 -16.41
CA GLU B 350 1.32 9.75 -16.67
C GLU B 350 2.81 9.47 -16.80
N ALA B 351 3.33 8.46 -16.11
CA ALA B 351 4.71 7.96 -16.32
C ALA B 351 4.81 7.47 -17.76
N ILE B 352 3.80 6.73 -18.23
CA ILE B 352 3.83 6.22 -19.62
C ILE B 352 3.83 7.41 -20.59
N PHE B 353 3.00 8.40 -20.35
CA PHE B 353 2.95 9.58 -21.26
C PHE B 353 4.28 10.35 -21.23
N SER B 354 4.94 10.38 -20.07
CA SER B 354 6.26 11.04 -19.92
C SER B 354 7.33 10.29 -20.72
N VAL B 355 7.31 8.97 -20.68
CA VAL B 355 8.22 8.11 -21.45
C VAL B 355 7.94 8.34 -22.93
N LEU B 356 6.69 8.35 -23.35
CA LEU B 356 6.35 8.57 -24.79
C LEU B 356 6.70 9.99 -25.24
N ALA B 357 6.61 10.97 -24.36
CA ALA B 357 7.04 12.35 -24.66
C ALA B 357 8.51 12.30 -25.06
N LEU B 358 9.30 11.47 -24.41
CA LEU B 358 10.75 11.31 -24.69
C LEU B 358 10.95 10.57 -26.01
N ARG B 359 10.17 9.52 -26.25
CA ARG B 359 10.28 8.73 -27.50
C ARG B 359 9.99 9.63 -28.69
N ASP B 360 8.92 10.43 -28.64
CA ASP B 360 8.38 11.11 -29.84
C ASP B 360 8.78 12.59 -29.85
N GLN B 361 9.56 13.01 -28.85
CA GLN B 361 10.04 14.42 -28.73
C GLN B 361 8.84 15.36 -28.87
N VAL B 362 7.86 15.25 -27.98
CA VAL B 362 6.66 16.12 -28.06
C VAL B 362 6.06 16.25 -26.68
N ALA B 363 5.75 17.49 -26.29
CA ALA B 363 4.99 17.83 -25.07
C ALA B 363 3.50 17.72 -25.39
N PRO B 364 2.77 16.80 -24.71
CA PRO B 364 1.33 16.73 -24.84
C PRO B 364 0.67 18.02 -24.39
N PRO B 365 -0.54 18.34 -24.90
CA PRO B 365 -1.22 19.60 -24.56
C PRO B 365 -1.88 19.60 -23.19
N THR B 366 -2.07 20.78 -22.62
CA THR B 366 -3.13 21.01 -21.62
C THR B 366 -4.33 21.55 -22.40
N ILE B 367 -5.33 20.72 -22.72
CA ILE B 367 -6.55 21.27 -23.40
C ILE B 367 -7.38 22.10 -22.40
N ASN B 368 -8.29 22.93 -22.93
CA ASN B 368 -9.27 23.72 -22.15
C ASN B 368 -8.59 24.88 -21.43
N LEU B 369 -7.31 25.17 -21.72
CA LEU B 369 -6.55 26.24 -21.03
C LEU B 369 -6.80 27.53 -21.82
N ASP B 370 -8.04 28.01 -21.75
CA ASP B 370 -8.60 29.12 -22.57
C ASP B 370 -8.15 30.45 -21.97
N ASN B 371 -8.18 30.56 -20.63
CA ASN B 371 -7.81 31.77 -19.89
C ASN B 371 -6.95 31.38 -18.70
N PRO B 372 -5.62 31.29 -18.86
CA PRO B 372 -4.74 31.06 -17.73
C PRO B 372 -5.15 31.96 -16.56
N ASP B 373 -5.03 31.42 -15.36
CA ASP B 373 -5.35 32.14 -14.11
C ASP B 373 -4.15 33.04 -13.77
N GLU B 374 -4.35 33.86 -12.75
CA GLU B 374 -3.32 34.71 -12.10
C GLU B 374 -2.05 33.89 -11.87
N GLY B 375 -0.95 34.30 -12.51
CA GLY B 375 0.39 33.75 -12.26
C GLY B 375 0.63 32.42 -12.96
N CYS B 376 -0.31 31.94 -13.77
CA CYS B 376 -0.15 30.68 -14.55
C CYS B 376 0.44 31.05 -15.90
N ASP B 377 1.66 31.61 -15.91
CA ASP B 377 2.26 32.21 -17.13
C ASP B 377 3.44 31.38 -17.61
N LEU B 378 3.58 30.12 -17.15
CA LEU B 378 4.59 29.17 -17.64
C LEU B 378 4.20 28.67 -19.04
N ASP B 379 5.04 27.88 -19.67
CA ASP B 379 4.68 27.20 -20.93
C ASP B 379 3.89 25.95 -20.53
N LEU B 380 2.57 26.09 -20.51
CA LEU B 380 1.60 25.05 -20.06
C LEU B 380 1.08 24.28 -21.28
N VAL B 381 1.72 24.49 -22.43
CA VAL B 381 1.38 23.79 -23.70
C VAL B 381 -0.12 23.86 -23.96
N ALA B 382 -0.69 25.06 -23.91
CA ALA B 382 -2.15 25.22 -24.07
C ALA B 382 -2.59 24.69 -25.45
N HIS B 383 -3.65 23.87 -25.43
CA HIS B 383 -4.54 23.51 -26.56
C HIS B 383 -3.97 22.42 -27.47
N GLU B 384 -2.70 22.53 -27.91
CA GLU B 384 -2.16 21.64 -28.97
C GLU B 384 -0.76 21.14 -28.57
N ALA B 385 -0.45 19.90 -28.96
CA ALA B 385 0.85 19.26 -28.68
C ALA B 385 1.97 20.14 -29.24
N LYS B 386 3.14 20.10 -28.63
CA LYS B 386 4.31 20.94 -29.00
C LYS B 386 5.51 20.04 -29.18
N PRO B 387 5.89 19.73 -30.43
CA PRO B 387 7.17 19.08 -30.70
C PRO B 387 8.30 19.95 -30.15
N ARG B 388 9.27 19.33 -29.50
CA ARG B 388 10.42 20.05 -28.91
C ARG B 388 11.47 19.03 -28.50
N LYS B 389 12.64 19.53 -28.14
CA LYS B 389 13.72 18.72 -27.55
C LYS B 389 13.35 18.36 -26.12
N ILE B 390 13.37 17.07 -25.81
CA ILE B 390 13.10 16.54 -24.46
C ILE B 390 14.15 15.49 -24.19
N ASP B 391 15.13 15.81 -23.35
CA ASP B 391 16.09 14.81 -22.86
C ASP B 391 15.63 14.25 -21.51
N VAL B 392 15.06 15.11 -20.67
CA VAL B 392 14.71 14.80 -19.26
C VAL B 392 13.25 15.21 -19.03
N ALA B 393 12.43 14.25 -18.57
CA ALA B 393 10.98 14.42 -18.35
C ALA B 393 10.71 14.05 -16.89
N LEU B 394 9.91 14.86 -16.22
CA LEU B 394 9.47 14.62 -14.81
C LEU B 394 7.99 14.27 -14.86
N SER B 395 7.58 13.43 -13.94
CA SER B 395 6.15 13.18 -13.73
C SER B 395 5.83 13.34 -12.25
N ASN B 396 4.92 14.23 -11.93
CA ASN B 396 4.61 14.59 -10.52
C ASN B 396 3.21 14.10 -10.13
N SER B 397 3.09 13.68 -8.88
CA SER B 397 1.81 13.30 -8.23
C SER B 397 1.80 13.90 -6.82
N PHE B 398 0.71 14.57 -6.46
CA PHE B 398 0.52 15.21 -5.14
C PHE B 398 -0.90 14.89 -4.67
N GLY B 399 -1.03 14.03 -3.65
CA GLY B 399 -2.31 13.41 -3.22
C GLY B 399 -2.71 13.71 -1.77
N PHE B 400 -3.89 13.22 -1.42
CA PHE B 400 -4.43 13.34 -0.05
C PHE B 400 -3.38 12.85 0.92
N GLY B 401 -3.37 13.45 2.11
CA GLY B 401 -2.37 13.20 3.16
C GLY B 401 -1.10 14.03 2.97
N GLY B 402 -1.05 14.88 1.95
CA GLY B 402 0.15 15.66 1.58
C GLY B 402 1.26 14.77 1.05
N THR B 403 0.91 13.64 0.46
CA THR B 403 1.94 12.68 -0.03
C THR B 403 2.32 13.03 -1.48
N ASN B 404 3.62 13.17 -1.72
CA ASN B 404 4.18 13.64 -2.99
C ASN B 404 5.08 12.56 -3.56
N GLY B 405 5.04 12.46 -4.87
CA GLY B 405 5.96 11.65 -5.65
C GLY B 405 6.39 12.36 -6.92
N THR B 406 7.65 12.19 -7.29
CA THR B 406 8.22 12.65 -8.56
C THR B 406 9.12 11.56 -9.16
N LEU B 407 8.88 11.25 -10.43
CA LEU B 407 9.75 10.37 -11.22
C LEU B 407 10.52 11.22 -12.24
N VAL B 408 11.78 10.89 -12.43
CA VAL B 408 12.68 11.52 -13.45
C VAL B 408 13.05 10.44 -14.47
N PHE B 409 12.67 10.65 -15.72
CA PHE B 409 13.00 9.80 -16.87
C PHE B 409 13.95 10.58 -17.79
N ARG B 410 14.85 9.85 -18.42
CA ARG B 410 15.86 10.41 -19.36
C ARG B 410 15.84 9.58 -20.64
N ARG B 411 16.05 10.22 -21.79
CA ARG B 411 16.23 9.51 -23.08
C ARG B 411 17.37 8.53 -22.92
N PHE B 412 17.25 7.34 -23.49
CA PHE B 412 18.30 6.30 -23.44
C PHE B 412 18.88 6.06 -24.86
N ALA B 413 20.20 6.09 -25.01
CA ALA B 413 20.91 5.80 -26.28
C ALA B 413 22.14 4.94 -26.01
N1 NVD C . -30.59 3.93 6.99
N3 NVD C . -30.71 -0.18 11.71
C4 NVD C . -31.46 1.60 7.40
C5 NVD C . -31.37 0.36 8.03
C6 NVD C . -30.32 0.12 8.92
C7 NVD C . -30.20 -1.24 9.53
C8 NVD C . -32.12 -0.10 11.85
C10 NVD C . -29.38 1.12 9.19
C1 NVD C . -29.48 4.91 7.11
C11 NVD C . -29.46 2.36 8.56
C2 NVD C . -31.95 4.56 7.01
C3 NVD C . -30.51 2.63 7.64
C9 NVD C . -30.19 0.91 12.45
N2 NVD C . -29.88 -1.08 11.00
N4 NVD C . -32.40 0.97 12.61
N5 NVD C . -31.26 1.58 12.97
S DMS D . 17.83 -3.02 6.87
O DMS D . 17.75 -2.84 5.40
C1 DMS D . 17.69 -4.78 7.15
C2 DMS D . 19.55 -2.81 7.30
S DMS E . 20.92 -27.05 9.68
O DMS E . 21.04 -27.54 11.14
C1 DMS E . 21.09 -25.27 9.73
C2 DMS E . 22.52 -27.43 8.96
S DMS F . -22.33 7.85 7.74
O DMS F . -22.77 8.40 6.40
C1 DMS F . -23.81 7.45 8.64
C2 DMS F . -21.81 9.26 8.68
S DMS G . -3.48 -12.62 -20.99
O DMS G . -2.17 -12.33 -21.66
C1 DMS G . -4.30 -13.82 -22.07
C2 DMS G . -3.11 -13.73 -19.66
S DMS H . 10.19 -22.56 -17.53
O DMS H . 11.71 -22.39 -17.38
C1 DMS H . 9.81 -22.15 -19.23
C2 DMS H . 9.91 -24.31 -17.63
S DMS I . 16.46 4.09 -9.34
O DMS I . 16.78 4.04 -7.86
C1 DMS I . 15.68 5.64 -9.66
C2 DMS I . 18.00 4.44 -10.17
S DMS J . -16.47 -10.97 -5.77
O DMS J . -17.58 -10.26 -5.03
C1 DMS J . -17.18 -12.48 -6.38
C2 DMS J . -16.33 -10.15 -7.35
S DMS K . -0.09 -5.21 -26.43
O DMS K . 1.05 -5.33 -25.39
C1 DMS K . -0.98 -3.73 -26.04
C2 DMS K . -1.34 -6.34 -25.96
S DMS L . -17.76 -8.42 -11.01
O DMS L . -16.58 -8.25 -10.10
C1 DMS L . -17.36 -7.60 -12.52
C2 DMS L . -19.01 -7.30 -10.43
S DMS M . 6.21 -14.78 -20.62
O DMS M . 7.05 -15.89 -20.04
C1 DMS M . 4.52 -15.11 -20.16
C2 DMS M . 6.05 -15.13 -22.36
P PO4 N . 18.07 -14.38 -16.81
O1 PO4 N . 19.23 -14.14 -17.82
O2 PO4 N . 17.79 -15.86 -16.68
O3 PO4 N . 16.79 -13.58 -17.32
O4 PO4 N . 18.50 -13.80 -15.42
#